data_8FBA
#
_entry.id   8FBA
#
_cell.length_a   67.348
_cell.length_b   65.245
_cell.length_c   128.690
_cell.angle_alpha   90.000
_cell.angle_beta   97.250
_cell.angle_gamma   90.000
#
_symmetry.space_group_name_H-M   'P 1 21 1'
#
loop_
_entity.id
_entity.type
_entity.pdbx_description
1 polymer 'Ky315 Antibody, heavy chain'
2 polymer 'Ky315 Antibody, light chain'
3 polymer 'Circumsporozoite protein DND peptide'
4 non-polymer 1,2-ETHANEDIOL
5 water water
#
loop_
_entity_poly.entity_id
_entity_poly.type
_entity_poly.pdbx_seq_one_letter_code
_entity_poly.pdbx_strand_id
1 'polypeptide(L)'
;QVQLVESGGGVVQPGRSLRLSCAASGFTLSNYGVHWVRQAPGTGLEWVALIWYDGSNKFYADSVKGRFTISRDNSMDIVY
LQMNNLRAEDTALYYCVRPGIAAAGSNYYAMDVWGQGTAVTVSSASTKGPSVFPLAPSSKSTSGGTAALGCLVKDYFPEP
VTVSWNSGALTSGVHTFPAVLQSSGLYSLSSVVTVPSSSLGTQTYICNVNHKPSNTKVDKKVEPKSC
;
A,C
2 'polypeptide(L)'
;EIVMTQSPATLSMSPGERATLSCRASQSVGSDLAWFQQKPGQAPRLLIYGAFTRATGIPARFSGSGSGSEFTLTISSLQS
EDFAVYYCQQYNRWWTFGQGTKVEMKRTVAAPSVFIFPPSDEQLKSGTASVVCLLNNFYPREAKVQWKVDNALQSGNSQE
SVTEQDSKDSTYSLSSTLTLSKADYEKHKVYACEVTHQGLSSPVTKSFNRGEC
;
B,D
3 'polypeptide(L)' NVDPNANPNVDP P,Q
#
loop_
_chem_comp.id
_chem_comp.type
_chem_comp.name
_chem_comp.formula
EDO non-polymer 1,2-ETHANEDIOL 'C2 H6 O2'
#
# COMPACT_ATOMS: atom_id res chain seq x y z
N GLN A 1 -0.09 -6.30 5.77
CA GLN A 1 1.25 -6.84 5.98
C GLN A 1 2.27 -6.27 4.99
N VAL A 2 2.94 -7.16 4.27
CA VAL A 2 4.02 -6.78 3.37
C VAL A 2 3.44 -6.10 2.13
N GLN A 3 4.02 -4.96 1.75
CA GLN A 3 3.56 -4.18 0.60
C GLN A 3 4.73 -3.68 -0.24
N LEU A 4 4.43 -3.36 -1.50
CA LEU A 4 5.31 -2.56 -2.35
C LEU A 4 4.62 -1.22 -2.62
N VAL A 5 5.42 -0.16 -2.66
CA VAL A 5 4.89 1.20 -2.71
C VAL A 5 5.59 1.93 -3.86
N GLU A 6 4.80 2.41 -4.81
CA GLU A 6 5.33 3.04 -6.01
C GLU A 6 4.91 4.51 -6.08
N SER A 7 5.65 5.27 -6.89
CA SER A 7 5.31 6.66 -7.15
C SER A 7 6.00 7.10 -8.43
N GLY A 8 5.60 8.25 -8.95
CA GLY A 8 6.20 8.83 -10.15
C GLY A 8 5.30 8.93 -11.36
N GLY A 9 4.15 8.28 -11.39
CA GLY A 9 3.31 8.35 -12.56
C GLY A 9 2.71 9.73 -12.79
N GLY A 10 2.04 9.87 -13.92
CA GLY A 10 1.36 11.10 -14.26
C GLY A 10 1.20 11.24 -15.76
N VAL A 11 0.81 12.43 -16.17
CA VAL A 11 0.62 12.77 -17.56
C VAL A 11 1.94 13.26 -18.12
N VAL A 12 2.35 12.71 -19.25
CA VAL A 12 3.61 13.05 -19.91
C VAL A 12 3.36 13.14 -21.40
N GLN A 13 4.02 14.10 -22.05
CA GLN A 13 3.85 14.28 -23.49
C GLN A 13 4.61 13.20 -24.26
N PRO A 14 4.10 12.80 -25.43
CA PRO A 14 4.79 11.79 -26.23
C PRO A 14 6.22 12.21 -26.54
N GLY A 15 7.14 11.26 -26.42
CA GLY A 15 8.54 11.53 -26.67
C GLY A 15 9.31 12.03 -25.48
N ARG A 16 8.64 12.34 -24.38
CA ARG A 16 9.30 12.84 -23.18
C ARG A 16 9.65 11.66 -22.26
N SER A 17 10.15 11.97 -21.07
CA SER A 17 10.66 10.97 -20.16
C SER A 17 9.92 11.03 -18.84
N LEU A 18 10.00 9.94 -18.07
CA LEU A 18 9.31 9.85 -16.79
C LEU A 18 10.01 8.76 -15.97
N ARG A 19 10.23 9.02 -14.69
CA ARG A 19 10.92 8.07 -13.83
C ARG A 19 10.00 7.57 -12.72
N LEU A 20 9.79 6.27 -12.66
CA LEU A 20 9.03 5.63 -11.58
C LEU A 20 9.97 5.13 -10.50
N SER A 21 9.44 5.00 -9.29
CA SER A 21 10.21 4.50 -8.16
C SER A 21 9.36 3.51 -7.36
N CYS A 22 10.05 2.63 -6.63
CA CYS A 22 9.41 1.55 -5.89
C CYS A 22 10.17 1.33 -4.59
N ALA A 23 9.43 1.17 -3.50
CA ALA A 23 10.00 0.88 -2.19
C ALA A 23 9.21 -0.24 -1.53
N ALA A 24 9.83 -0.89 -0.56
CA ALA A 24 9.20 -1.99 0.15
C ALA A 24 8.75 -1.54 1.53
N SER A 25 7.74 -2.24 2.07
CA SER A 25 7.27 -2.03 3.44
C SER A 25 7.10 -3.40 4.10
N GLY A 26 7.78 -3.61 5.21
CA GLY A 26 7.74 -4.87 5.90
C GLY A 26 8.84 -5.84 5.50
N PHE A 27 9.73 -5.44 4.60
CA PHE A 27 10.89 -6.25 4.24
C PHE A 27 11.91 -5.35 3.57
N THR A 28 13.12 -5.87 3.38
CA THR A 28 14.18 -5.11 2.75
C THR A 28 14.16 -5.39 1.25
N LEU A 29 13.97 -4.34 0.45
CA LEU A 29 13.81 -4.54 -0.99
C LEU A 29 15.08 -5.07 -1.66
N SER A 30 16.24 -4.65 -1.17
CA SER A 30 17.52 -5.05 -1.74
C SER A 30 17.80 -6.54 -1.56
N ASN A 31 16.97 -7.27 -0.82
CA ASN A 31 17.14 -8.71 -0.78
C ASN A 31 16.52 -9.43 -1.96
N TYR A 32 15.89 -8.71 -2.88
CA TYR A 32 15.08 -9.30 -3.94
C TYR A 32 15.37 -8.65 -5.27
N GLY A 33 15.37 -9.44 -6.34
CA GLY A 33 15.16 -8.88 -7.65
C GLY A 33 13.81 -8.20 -7.72
N VAL A 34 13.64 -7.27 -8.64
CA VAL A 34 12.41 -6.50 -8.74
C VAL A 34 11.97 -6.43 -10.19
N HIS A 35 10.70 -6.72 -10.45
CA HIS A 35 10.07 -6.63 -11.74
C HIS A 35 9.20 -5.40 -11.85
N TRP A 36 8.95 -4.98 -13.09
CA TRP A 36 7.87 -4.07 -13.42
C TRP A 36 6.96 -4.77 -14.42
N VAL A 37 5.65 -4.66 -14.18
CA VAL A 37 4.61 -5.25 -15.01
C VAL A 37 3.57 -4.16 -15.23
N ARG A 38 3.13 -3.97 -16.48
CA ARG A 38 2.20 -2.90 -16.79
C ARG A 38 0.90 -3.47 -17.33
N GLN A 39 -0.17 -2.67 -17.17
CA GLN A 39 -1.51 -3.05 -17.59
C GLN A 39 -2.16 -1.83 -18.23
N ALA A 40 -2.39 -1.90 -19.53
CA ALA A 40 -2.99 -0.80 -20.27
C ALA A 40 -4.50 -0.85 -20.12
N PRO A 41 -5.18 0.30 -20.18
CA PRO A 41 -6.63 0.34 -19.96
C PRO A 41 -7.37 -0.68 -20.80
N GLY A 42 -8.06 -1.61 -20.15
CA GLY A 42 -8.87 -2.58 -20.82
C GLY A 42 -8.17 -3.83 -21.29
N THR A 43 -6.84 -3.92 -21.18
CA THR A 43 -6.15 -5.11 -21.62
C THR A 43 -5.48 -5.81 -20.43
N GLY A 44 -4.63 -6.78 -20.75
CA GLY A 44 -4.05 -7.66 -19.75
C GLY A 44 -2.73 -7.16 -19.22
N LEU A 45 -1.91 -8.10 -18.77
CA LEU A 45 -0.65 -7.83 -18.10
C LEU A 45 0.52 -8.04 -19.05
N GLU A 46 1.50 -7.15 -18.97
CA GLU A 46 2.68 -7.20 -19.84
C GLU A 46 3.91 -6.99 -18.98
N TRP A 47 4.80 -7.98 -18.95
CA TRP A 47 6.07 -7.82 -18.24
C TRP A 47 6.92 -6.77 -18.94
N VAL A 48 7.60 -5.95 -18.16
CA VAL A 48 8.34 -4.80 -18.68
C VAL A 48 9.85 -4.94 -18.47
N ALA A 49 10.27 -5.28 -17.25
CA ALA A 49 11.70 -5.27 -16.93
C ALA A 49 11.95 -6.00 -15.62
N LEU A 50 13.22 -6.35 -15.40
CA LEU A 50 13.67 -6.99 -14.18
C LEU A 50 15.09 -6.53 -13.85
N ILE A 51 15.37 -6.34 -12.57
CA ILE A 51 16.72 -6.01 -12.11
C ILE A 51 17.08 -6.96 -10.98
N TRP A 52 18.28 -7.53 -11.05
CA TRP A 52 18.81 -8.41 -10.02
C TRP A 52 18.86 -7.68 -8.68
N TYR A 53 18.83 -8.47 -7.59
CA TYR A 53 18.87 -7.91 -6.24
C TYR A 53 20.00 -6.91 -6.07
N ASP A 54 21.16 -7.18 -6.68
CA ASP A 54 22.36 -6.35 -6.50
C ASP A 54 22.55 -5.38 -7.65
N GLY A 55 21.59 -5.28 -8.55
CA GLY A 55 21.69 -4.34 -9.66
C GLY A 55 22.55 -4.77 -10.82
N SER A 56 23.07 -6.00 -10.82
CA SER A 56 23.91 -6.42 -11.92
C SER A 56 23.07 -6.70 -13.17
N ASN A 57 22.38 -7.82 -13.20
CA ASN A 57 21.64 -8.21 -14.39
C ASN A 57 20.38 -7.36 -14.54
N LYS A 58 20.16 -6.82 -15.74
CA LYS A 58 18.95 -6.10 -16.09
C LYS A 58 18.36 -6.69 -17.37
N PHE A 59 17.04 -6.84 -17.41
CA PHE A 59 16.37 -7.44 -18.56
C PHE A 59 15.12 -6.64 -18.89
N TYR A 60 14.80 -6.59 -20.19
CA TYR A 60 13.70 -5.76 -20.69
C TYR A 60 12.86 -6.50 -21.72
N ALA A 61 11.55 -6.29 -21.66
CA ALA A 61 10.68 -6.68 -22.76
C ALA A 61 11.14 -6.03 -24.06
N ASP A 62 11.02 -6.77 -25.16
CA ASP A 62 11.36 -6.23 -26.48
C ASP A 62 10.66 -4.90 -26.74
N SER A 63 9.41 -4.78 -26.26
CA SER A 63 8.61 -3.59 -26.55
C SER A 63 9.18 -2.31 -25.96
N VAL A 64 10.09 -2.39 -24.98
CA VAL A 64 10.65 -1.22 -24.35
C VAL A 64 12.17 -1.17 -24.37
N LYS A 65 12.83 -2.18 -24.97
CA LYS A 65 14.29 -2.20 -24.97
C LYS A 65 14.85 -0.99 -25.71
N GLY A 66 15.91 -0.40 -25.17
CA GLY A 66 16.48 0.81 -25.72
C GLY A 66 15.78 2.09 -25.33
N ARG A 67 14.57 2.01 -24.76
CA ARG A 67 13.87 3.19 -24.28
C ARG A 67 13.73 3.23 -22.77
N PHE A 68 13.60 2.08 -22.12
CA PHE A 68 13.47 2.03 -20.67
C PHE A 68 14.80 1.61 -20.05
N THR A 69 15.07 2.12 -18.86
CA THR A 69 16.26 1.74 -18.12
C THR A 69 15.87 1.50 -16.67
N ILE A 70 16.31 0.37 -16.11
CA ILE A 70 15.99 0.01 -14.73
C ILE A 70 17.26 0.15 -13.90
N SER A 71 17.10 0.62 -12.65
CA SER A 71 18.22 0.82 -11.76
C SER A 71 17.73 0.68 -10.32
N ARG A 72 18.66 0.59 -9.38
CA ARG A 72 18.25 0.56 -7.99
C ARG A 72 19.31 1.18 -7.12
N ASP A 73 18.85 1.73 -5.99
CA ASP A 73 19.71 2.36 -4.98
C ASP A 73 19.54 1.52 -3.72
N ASN A 74 20.47 0.60 -3.48
CA ASN A 74 20.30 -0.30 -2.33
C ASN A 74 20.70 0.34 -1.01
N SER A 75 21.13 1.61 -1.01
CA SER A 75 21.26 2.35 0.23
C SER A 75 19.89 2.84 0.70
N MET A 76 19.18 3.57 -0.17
CA MET A 76 17.83 4.00 0.14
C MET A 76 16.81 2.88 0.02
N ASP A 77 17.18 1.76 -0.62
CA ASP A 77 16.29 0.61 -0.82
C ASP A 77 15.15 0.95 -1.77
N ILE A 78 15.51 1.49 -2.93
CA ILE A 78 14.55 2.01 -3.90
C ILE A 78 14.95 1.52 -5.29
N VAL A 79 13.97 1.09 -6.07
CA VAL A 79 14.17 0.65 -7.45
C VAL A 79 13.53 1.66 -8.39
N TYR A 80 14.24 2.01 -9.45
CA TYR A 80 13.78 3.01 -10.41
C TYR A 80 13.56 2.39 -11.78
N LEU A 81 12.50 2.82 -12.45
CA LEU A 81 12.27 2.53 -13.86
C LEU A 81 12.29 3.86 -14.61
N GLN A 82 13.38 4.11 -15.33
CA GLN A 82 13.54 5.32 -16.13
C GLN A 82 12.97 5.06 -17.51
N MET A 83 11.93 5.81 -17.88
CA MET A 83 11.21 5.59 -19.12
C MET A 83 11.42 6.80 -20.02
N ASN A 84 12.06 6.58 -21.17
CA ASN A 84 12.37 7.65 -22.11
C ASN A 84 11.62 7.42 -23.41
N ASN A 85 11.53 8.50 -24.20
CA ASN A 85 10.89 8.49 -25.51
C ASN A 85 9.53 7.78 -25.47
N LEU A 86 8.70 8.22 -24.54
CA LEU A 86 7.43 7.55 -24.30
C LEU A 86 6.48 7.72 -25.48
N ARG A 87 5.61 6.73 -25.67
CA ARG A 87 4.65 6.72 -26.75
C ARG A 87 3.27 6.44 -26.18
N ALA A 88 2.24 6.69 -27.00
CA ALA A 88 0.87 6.49 -26.54
C ALA A 88 0.64 5.07 -26.05
N GLU A 89 1.28 4.09 -26.68
CA GLU A 89 1.11 2.70 -26.28
C GLU A 89 1.83 2.34 -24.98
N ASP A 90 2.58 3.26 -24.38
CA ASP A 90 3.11 3.06 -23.04
C ASP A 90 2.14 3.53 -21.96
N THR A 91 0.96 4.03 -22.34
CA THR A 91 -0.05 4.40 -21.36
C THR A 91 -0.55 3.16 -20.66
N ALA A 92 -0.46 3.13 -19.34
CA ALA A 92 -0.74 1.91 -18.59
C ALA A 92 -0.54 2.20 -17.10
N LEU A 93 -1.08 1.30 -16.29
CA LEU A 93 -0.75 1.23 -14.87
C LEU A 93 0.50 0.39 -14.72
N TYR A 94 1.50 0.92 -14.01
CA TYR A 94 2.79 0.26 -13.84
C TYR A 94 2.90 -0.30 -12.44
N TYR A 95 3.09 -1.61 -12.34
CA TYR A 95 3.23 -2.32 -11.08
C TYR A 95 4.70 -2.61 -10.81
N CYS A 96 5.14 -2.30 -9.60
CA CYS A 96 6.35 -2.88 -9.03
C CYS A 96 6.01 -4.23 -8.44
N VAL A 97 6.83 -5.25 -8.71
CA VAL A 97 6.47 -6.63 -8.38
C VAL A 97 7.68 -7.39 -7.85
N ARG A 98 7.46 -8.17 -6.77
CA ARG A 98 8.51 -8.97 -6.15
C ARG A 98 8.39 -10.44 -6.55
N PRO A 99 9.46 -11.06 -7.03
CA PRO A 99 9.47 -12.53 -7.26
C PRO A 99 9.92 -13.24 -5.98
N GLY A 100 8.99 -13.36 -5.04
CA GLY A 100 9.38 -13.67 -3.68
C GLY A 100 9.25 -15.11 -3.21
N ILE A 101 8.63 -15.99 -3.98
CA ILE A 101 8.34 -17.34 -3.50
C ILE A 101 8.58 -18.33 -4.64
N ALA A 102 9.19 -19.46 -4.30
CA ALA A 102 9.49 -20.51 -5.28
C ALA A 102 8.91 -21.84 -4.80
N ALA A 103 8.37 -22.60 -5.75
CA ALA A 103 7.84 -23.92 -5.45
C ALA A 103 8.95 -24.85 -4.96
N ALA A 104 8.54 -25.86 -4.19
CA ALA A 104 9.50 -26.83 -3.67
C ALA A 104 10.29 -27.47 -4.81
N GLY A 105 11.61 -27.50 -4.66
CA GLY A 105 12.46 -28.08 -5.67
C GLY A 105 12.76 -27.19 -6.86
N SER A 106 12.41 -25.90 -6.77
CA SER A 106 12.58 -24.97 -7.87
C SER A 106 13.48 -23.81 -7.45
N ASN A 107 14.26 -23.29 -8.41
CA ASN A 107 14.96 -22.04 -8.20
C ASN A 107 14.35 -20.91 -9.03
N TYR A 108 13.13 -21.11 -9.53
CA TYR A 108 12.38 -20.08 -10.24
C TYR A 108 11.29 -19.53 -9.32
N TYR A 109 11.20 -18.21 -9.24
CA TYR A 109 10.41 -17.54 -8.22
C TYR A 109 9.22 -16.82 -8.84
N ALA A 110 8.03 -17.07 -8.28
CA ALA A 110 6.81 -16.46 -8.75
C ALA A 110 6.58 -15.09 -8.12
N MET A 111 5.72 -14.29 -8.78
CA MET A 111 5.48 -12.90 -8.40
C MET A 111 4.43 -12.82 -7.31
N ASP A 112 4.88 -12.74 -6.05
CA ASP A 112 4.00 -12.89 -4.90
C ASP A 112 3.57 -11.57 -4.28
N VAL A 113 4.26 -10.47 -4.55
CA VAL A 113 3.92 -9.18 -3.98
C VAL A 113 3.84 -8.17 -5.11
N TRP A 114 2.69 -7.51 -5.23
CA TRP A 114 2.45 -6.50 -6.25
C TRP A 114 2.15 -5.17 -5.57
N GLY A 115 2.73 -4.10 -6.11
CA GLY A 115 2.36 -2.78 -5.65
C GLY A 115 0.98 -2.40 -6.14
N GLN A 116 0.49 -1.25 -5.67
CA GLN A 116 -0.83 -0.82 -6.10
CA GLN A 116 -0.82 -0.76 -6.08
C GLN A 116 -0.83 -0.28 -7.52
N GLY A 117 0.33 0.05 -8.08
CA GLY A 117 0.40 0.56 -9.43
C GLY A 117 0.37 2.08 -9.50
N THR A 118 1.23 2.66 -10.32
CA THR A 118 1.21 4.09 -10.60
C THR A 118 0.86 4.30 -12.06
N ALA A 119 -0.06 5.24 -12.31
CA ALA A 119 -0.64 5.43 -13.64
C ALA A 119 0.23 6.34 -14.50
N VAL A 120 0.48 5.91 -15.73
CA VAL A 120 1.26 6.67 -16.69
C VAL A 120 0.38 6.95 -17.91
N THR A 121 0.16 8.22 -18.20
CA THR A 121 -0.74 8.65 -19.27
C THR A 121 0.07 9.47 -20.27
N VAL A 122 0.35 8.89 -21.43
CA VAL A 122 1.13 9.57 -22.45
C VAL A 122 0.15 10.26 -23.40
N SER A 123 0.22 11.59 -23.44
CA SER A 123 -0.80 12.36 -24.14
C SER A 123 -0.30 13.80 -24.31
N SER A 124 -0.75 14.42 -25.39
CA SER A 124 -0.47 15.83 -25.64
C SER A 124 -1.58 16.75 -25.15
N ALA A 125 -2.64 16.22 -24.56
CA ALA A 125 -3.77 17.05 -24.17
C ALA A 125 -3.42 17.91 -22.96
N SER A 126 -4.16 19.00 -22.81
CA SER A 126 -4.05 19.86 -21.64
C SER A 126 -5.27 19.66 -20.75
N THR A 127 -5.09 19.96 -19.46
CA THR A 127 -6.20 19.93 -18.52
C THR A 127 -7.37 20.74 -19.07
N LYS A 128 -8.55 20.12 -19.10
CA LYS A 128 -9.73 20.77 -19.64
C LYS A 128 -10.96 20.23 -18.94
N GLY A 129 -11.81 21.12 -18.45
CA GLY A 129 -13.05 20.72 -17.83
C GLY A 129 -14.07 20.31 -18.87
N PRO A 130 -15.03 19.49 -18.48
CA PRO A 130 -16.02 19.01 -19.45
C PRO A 130 -17.12 20.01 -19.73
N SER A 131 -17.82 19.76 -20.84
CA SER A 131 -19.14 20.33 -21.05
C SER A 131 -20.18 19.30 -20.62
N VAL A 132 -21.31 19.79 -20.11
CA VAL A 132 -22.34 18.91 -19.59
C VAL A 132 -23.61 19.17 -20.38
N PHE A 133 -24.08 18.15 -21.10
CA PHE A 133 -25.26 18.27 -21.91
C PHE A 133 -26.34 17.33 -21.40
N PRO A 134 -27.61 17.74 -21.46
CA PRO A 134 -28.68 16.87 -20.98
C PRO A 134 -28.99 15.78 -22.00
N LEU A 135 -29.33 14.61 -21.49
CA LEU A 135 -29.92 13.52 -22.25
C LEU A 135 -31.39 13.48 -21.83
N ALA A 136 -32.25 14.17 -22.59
CA ALA A 136 -33.58 14.47 -22.10
C ALA A 136 -34.52 13.28 -22.27
N PRO A 137 -35.38 13.01 -21.28
CA PRO A 137 -36.34 11.92 -21.40
C PRO A 137 -37.25 12.11 -22.61
N SER A 138 -37.52 11.02 -23.32
CA SER A 138 -38.23 11.09 -24.59
C SER A 138 -39.68 11.55 -24.37
N SER A 139 -40.20 12.30 -25.36
CA SER A 139 -41.60 12.69 -25.34
C SER A 139 -42.52 11.49 -25.55
N LYS A 140 -41.98 10.36 -26.03
CA LYS A 140 -42.75 9.14 -26.23
C LYS A 140 -42.51 8.12 -25.13
N SER A 141 -42.06 8.57 -23.94
CA SER A 141 -41.85 7.66 -22.82
C SER A 141 -43.13 6.94 -22.44
N THR A 142 -43.01 5.65 -22.15
CA THR A 142 -44.18 4.82 -21.86
C THR A 142 -45.00 5.40 -20.72
N SER A 143 -46.28 5.68 -20.99
CA SER A 143 -47.18 6.40 -20.09
C SER A 143 -47.09 5.94 -18.65
N GLY A 144 -47.48 4.68 -18.39
CA GLY A 144 -47.41 4.15 -17.04
C GLY A 144 -46.14 3.33 -16.81
N GLY A 145 -45.08 3.64 -17.55
CA GLY A 145 -43.87 2.84 -17.50
C GLY A 145 -42.65 3.59 -17.00
N THR A 146 -41.51 3.31 -17.63
CA THR A 146 -40.20 3.79 -17.21
C THR A 146 -39.64 4.74 -18.26
N ALA A 147 -39.04 5.84 -17.82
CA ALA A 147 -38.34 6.77 -18.69
C ALA A 147 -36.86 6.77 -18.34
N ALA A 148 -36.03 7.16 -19.30
CA ALA A 148 -34.60 7.27 -19.05
C ALA A 148 -34.14 8.69 -19.35
N LEU A 149 -33.18 9.16 -18.57
CA LEU A 149 -32.59 10.48 -18.76
C LEU A 149 -31.16 10.41 -18.27
N GLY A 150 -30.39 11.46 -18.57
CA GLY A 150 -29.00 11.40 -18.21
C GLY A 150 -28.28 12.70 -18.47
N CYS A 151 -26.96 12.65 -18.30
CA CYS A 151 -26.07 13.76 -18.57
C CYS A 151 -24.88 13.24 -19.35
N LEU A 152 -24.56 13.91 -20.47
CA LEU A 152 -23.38 13.61 -21.26
C LEU A 152 -22.27 14.54 -20.80
N VAL A 153 -21.17 13.97 -20.32
CA VAL A 153 -20.05 14.72 -19.77
C VAL A 153 -18.93 14.59 -20.80
N LYS A 154 -18.76 15.60 -21.65
CA LYS A 154 -17.96 15.47 -22.86
C LYS A 154 -16.75 16.39 -22.84
N ASP A 155 -15.62 15.85 -23.32
CA ASP A 155 -14.41 16.60 -23.67
C ASP A 155 -13.68 17.12 -22.45
N TYR A 156 -13.18 16.22 -21.62
CA TYR A 156 -12.38 16.62 -20.47
C TYR A 156 -11.06 15.85 -20.46
N PHE A 157 -10.10 16.38 -19.69
CA PHE A 157 -8.79 15.78 -19.49
C PHE A 157 -8.16 16.39 -18.25
N PRO A 158 -7.48 15.59 -17.41
CA PRO A 158 -7.36 14.13 -17.46
C PRO A 158 -8.55 13.49 -16.74
N GLU A 159 -8.55 12.17 -16.60
CA GLU A 159 -9.52 11.51 -15.72
C GLU A 159 -9.22 11.88 -14.26
N PRO A 160 -10.21 11.78 -13.37
CA PRO A 160 -11.57 11.31 -13.57
C PRO A 160 -12.60 12.42 -13.46
N VAL A 161 -13.83 12.16 -13.85
CA VAL A 161 -14.94 12.98 -13.39
C VAL A 161 -15.82 12.07 -12.54
N THR A 162 -16.56 12.68 -11.63
CA THR A 162 -17.57 11.96 -10.85
C THR A 162 -18.93 12.56 -11.17
N VAL A 163 -19.97 11.75 -11.00
CA VAL A 163 -21.34 12.19 -11.26
C VAL A 163 -22.22 11.62 -10.17
N SER A 164 -23.08 12.45 -9.60
CA SER A 164 -24.14 12.00 -8.72
C SER A 164 -25.44 12.60 -9.21
N TRP A 165 -26.55 12.15 -8.65
CA TRP A 165 -27.85 12.67 -9.02
C TRP A 165 -28.55 13.21 -7.80
N ASN A 166 -29.14 14.40 -7.94
CA ASN A 166 -29.89 15.04 -6.87
C ASN A 166 -29.07 15.08 -5.59
N SER A 167 -27.79 15.39 -5.73
CA SER A 167 -26.86 15.54 -4.61
C SER A 167 -26.80 14.29 -3.74
N GLY A 168 -26.97 13.12 -4.36
CA GLY A 168 -26.93 11.86 -3.64
C GLY A 168 -28.27 11.32 -3.23
N ALA A 169 -29.35 12.09 -3.39
CA ALA A 169 -30.67 11.60 -3.02
C ALA A 169 -31.22 10.60 -4.05
N LEU A 170 -30.65 10.55 -5.24
CA LEU A 170 -31.10 9.62 -6.26
C LEU A 170 -29.96 8.66 -6.56
N THR A 171 -30.11 7.40 -6.14
CA THR A 171 -29.11 6.36 -6.45
C THR A 171 -29.66 5.15 -7.20
N SER A 172 -30.92 4.78 -6.97
CA SER A 172 -31.50 3.62 -7.63
C SER A 172 -31.60 3.84 -9.13
N GLY A 173 -31.23 2.81 -9.90
CA GLY A 173 -31.32 2.88 -11.35
C GLY A 173 -30.32 3.75 -12.05
N VAL A 174 -29.34 4.31 -11.33
CA VAL A 174 -28.29 5.13 -11.94
C VAL A 174 -27.25 4.23 -12.57
N HIS A 175 -26.76 4.59 -13.75
CA HIS A 175 -25.61 3.93 -14.35
C HIS A 175 -24.67 5.01 -14.83
N THR A 176 -23.49 5.10 -14.21
CA THR A 176 -22.48 6.04 -14.67
C THR A 176 -21.44 5.22 -15.41
N PHE A 177 -21.34 5.43 -16.73
CA PHE A 177 -20.52 4.55 -17.55
C PHE A 177 -19.05 4.90 -17.43
N PRO A 178 -18.16 3.91 -17.57
CA PRO A 178 -16.73 4.23 -17.68
C PRO A 178 -16.49 5.19 -18.84
N ALA A 179 -15.55 6.10 -18.65
CA ALA A 179 -15.21 7.05 -19.70
C ALA A 179 -14.61 6.33 -20.91
N VAL A 180 -14.77 6.94 -22.07
CA VAL A 180 -14.09 6.52 -23.28
C VAL A 180 -13.11 7.61 -23.65
N LEU A 181 -11.98 7.21 -24.23
CA LEU A 181 -11.03 8.15 -24.78
C LEU A 181 -11.41 8.40 -26.23
N GLN A 182 -11.65 9.66 -26.58
CA GLN A 182 -12.05 9.98 -27.94
C GLN A 182 -10.80 10.16 -28.82
N SER A 183 -11.01 10.14 -30.14
CA SER A 183 -9.90 10.34 -31.05
C SER A 183 -9.26 11.71 -30.88
N SER A 184 -9.95 12.67 -30.25
CA SER A 184 -9.38 13.98 -30.00
C SER A 184 -8.36 13.97 -28.87
N GLY A 185 -8.27 12.89 -28.11
CA GLY A 185 -7.45 12.87 -26.91
C GLY A 185 -8.18 13.28 -25.64
N LEU A 186 -9.46 13.61 -25.73
CA LEU A 186 -10.25 14.00 -24.57
C LEU A 186 -11.20 12.87 -24.22
N TYR A 187 -11.54 12.79 -22.94
CA TYR A 187 -12.44 11.77 -22.44
C TYR A 187 -13.89 12.24 -22.51
N SER A 188 -14.80 11.27 -22.45
CA SER A 188 -16.22 11.59 -22.45
C SER A 188 -16.95 10.47 -21.74
N LEU A 189 -17.98 10.82 -20.97
CA LEU A 189 -18.79 9.76 -20.38
C LEU A 189 -20.23 10.23 -20.29
N SER A 190 -21.12 9.28 -20.07
CA SER A 190 -22.51 9.57 -19.76
C SER A 190 -22.88 8.93 -18.43
N SER A 191 -23.79 9.56 -17.73
CA SER A 191 -24.46 8.99 -16.58
C SER A 191 -25.95 9.05 -16.89
N VAL A 192 -26.64 7.93 -16.67
CA VAL A 192 -28.06 7.82 -17.00
C VAL A 192 -28.79 7.32 -15.76
N VAL A 193 -30.10 7.50 -15.76
CA VAL A 193 -30.93 6.96 -14.69
C VAL A 193 -32.30 6.65 -15.28
N THR A 194 -32.90 5.54 -14.86
CA THR A 194 -34.26 5.25 -15.25
C THR A 194 -35.19 5.58 -14.09
N VAL A 195 -36.34 6.15 -14.42
CA VAL A 195 -37.25 6.72 -13.43
C VAL A 195 -38.68 6.48 -13.88
N PRO A 196 -39.64 6.53 -12.96
CA PRO A 196 -41.05 6.47 -13.37
C PRO A 196 -41.37 7.59 -14.35
N SER A 197 -41.95 7.22 -15.49
CA SER A 197 -42.46 8.22 -16.43
C SER A 197 -43.42 9.19 -15.75
N SER A 198 -44.19 8.70 -14.77
CA SER A 198 -45.15 9.54 -14.08
C SER A 198 -44.48 10.63 -13.25
N SER A 199 -43.18 10.52 -12.98
CA SER A 199 -42.49 11.53 -12.18
C SER A 199 -41.94 12.68 -13.02
N LEU A 200 -41.97 12.57 -14.34
CA LEU A 200 -41.28 13.55 -15.18
C LEU A 200 -41.88 14.94 -15.05
N GLY A 201 -43.19 15.04 -14.84
CA GLY A 201 -43.80 16.35 -14.69
C GLY A 201 -43.55 17.00 -13.35
N THR A 202 -43.28 16.22 -12.31
CA THR A 202 -43.23 16.75 -10.96
C THR A 202 -41.87 16.65 -10.27
N GLN A 203 -41.02 15.68 -10.62
CA GLN A 203 -39.76 15.49 -9.92
C GLN A 203 -38.63 16.10 -10.72
N THR A 204 -37.79 16.88 -10.04
CA THR A 204 -36.62 17.50 -10.64
C THR A 204 -35.44 16.53 -10.60
N TYR A 205 -34.71 16.44 -11.71
CA TYR A 205 -33.53 15.60 -11.82
C TYR A 205 -32.35 16.46 -12.21
N ILE A 206 -31.32 16.44 -11.37
CA ILE A 206 -30.13 17.24 -11.54
C ILE A 206 -28.94 16.30 -11.45
N CYS A 207 -28.00 16.42 -12.38
CA CYS A 207 -26.76 15.66 -12.28
C CYS A 207 -25.67 16.58 -11.77
N ASN A 208 -24.93 16.11 -10.79
CA ASN A 208 -23.86 16.88 -10.17
C ASN A 208 -22.56 16.32 -10.71
N VAL A 209 -21.87 17.12 -11.52
CA VAL A 209 -20.65 16.72 -12.22
C VAL A 209 -19.49 17.43 -11.55
N ASN A 210 -18.43 16.69 -11.23
N ASN A 210 -18.44 16.68 -11.22
CA ASN A 210 -17.24 17.29 -10.65
CA ASN A 210 -17.23 17.24 -10.65
C ASN A 210 -16.02 16.77 -11.42
C ASN A 210 -16.04 16.76 -11.46
N HIS A 211 -15.18 17.70 -11.89
CA HIS A 211 -13.91 17.38 -12.52
C HIS A 211 -12.84 18.16 -11.76
N LYS A 212 -12.30 17.54 -10.72
CA LYS A 212 -11.39 18.26 -9.83
C LYS A 212 -10.08 18.72 -10.46
N PRO A 213 -9.50 18.05 -11.47
CA PRO A 213 -8.25 18.59 -12.02
C PRO A 213 -8.39 19.99 -12.61
N SER A 214 -9.56 20.33 -13.16
CA SER A 214 -9.82 21.67 -13.70
C SER A 214 -10.68 22.53 -12.77
N ASN A 215 -10.99 22.05 -11.57
CA ASN A 215 -11.85 22.76 -10.62
CA ASN A 215 -11.84 22.77 -10.62
C ASN A 215 -13.20 23.10 -11.25
N THR A 216 -13.74 22.16 -12.01
CA THR A 216 -15.02 22.33 -12.68
C THR A 216 -16.10 21.59 -11.89
N LYS A 217 -17.12 22.34 -11.45
CA LYS A 217 -18.23 21.76 -10.72
C LYS A 217 -19.52 22.26 -11.33
N VAL A 218 -20.36 21.34 -11.82
CA VAL A 218 -21.56 21.70 -12.57
C VAL A 218 -22.74 20.90 -12.05
N ASP A 219 -23.85 21.60 -11.76
CA ASP A 219 -25.16 20.98 -11.56
C ASP A 219 -25.99 21.26 -12.81
N LYS A 220 -26.47 20.21 -13.47
CA LYS A 220 -27.26 20.34 -14.69
C LYS A 220 -28.64 19.73 -14.47
N LYS A 221 -29.68 20.56 -14.62
CA LYS A 221 -31.04 20.06 -14.54
C LYS A 221 -31.38 19.41 -15.88
N VAL A 222 -31.99 18.23 -15.83
CA VAL A 222 -32.40 17.50 -17.02
C VAL A 222 -33.92 17.38 -17.00
N GLU A 223 -34.57 17.82 -18.08
CA GLU A 223 -36.03 17.80 -18.12
C GLU A 223 -36.50 17.49 -19.53
N PRO A 224 -37.79 17.17 -19.71
CA PRO A 224 -38.31 16.92 -21.06
C PRO A 224 -38.16 18.14 -21.94
N LYS A 225 -37.72 17.92 -23.18
CA LYS A 225 -37.50 19.03 -24.09
C LYS A 225 -38.83 19.60 -24.57
N SER A 226 -38.90 20.93 -24.64
CA SER A 226 -40.12 21.62 -25.06
C SER A 226 -40.14 21.73 -26.57
N CYS A 227 -41.11 21.08 -27.21
CA CYS A 227 -41.24 21.09 -28.67
C CYS A 227 -42.62 20.60 -29.08
N GLU B 1 8.02 -15.64 -28.55
CA GLU B 1 7.75 -15.74 -27.13
C GLU B 1 6.83 -16.93 -26.88
N ILE B 2 6.74 -17.38 -25.63
CA ILE B 2 5.76 -18.42 -25.32
C ILE B 2 4.39 -17.78 -25.18
N VAL B 3 3.43 -18.25 -25.98
CA VAL B 3 2.08 -17.68 -25.98
C VAL B 3 1.20 -18.47 -25.02
N MET B 4 0.54 -17.76 -24.12
CA MET B 4 -0.38 -18.35 -23.16
C MET B 4 -1.80 -18.09 -23.61
N THR B 5 -2.59 -19.16 -23.73
CA THR B 5 -3.96 -19.08 -24.24
C THR B 5 -4.91 -19.61 -23.17
N GLN B 6 -5.83 -18.76 -22.72
CA GLN B 6 -6.81 -19.12 -21.71
C GLN B 6 -8.17 -19.33 -22.37
N SER B 7 -8.96 -20.23 -21.78
CA SER B 7 -10.33 -20.43 -22.24
C SER B 7 -11.19 -20.86 -21.06
N PRO B 8 -12.49 -20.55 -21.10
CA PRO B 8 -13.15 -19.67 -22.08
C PRO B 8 -12.81 -18.23 -21.78
N ALA B 9 -13.18 -17.28 -22.64
CA ALA B 9 -12.98 -15.88 -22.31
C ALA B 9 -13.80 -15.47 -21.10
N THR B 10 -15.04 -15.96 -21.02
CA THR B 10 -15.93 -15.67 -19.91
C THR B 10 -16.51 -16.98 -19.39
N LEU B 11 -16.54 -17.13 -18.07
CA LEU B 11 -17.17 -18.26 -17.41
C LEU B 11 -18.30 -17.73 -16.54
N SER B 12 -19.53 -18.20 -16.77
CA SER B 12 -20.71 -17.72 -16.06
C SER B 12 -21.11 -18.75 -14.99
N MET B 13 -21.01 -18.36 -13.71
CA MET B 13 -21.06 -19.31 -12.61
C MET B 13 -22.07 -18.86 -11.56
N SER B 14 -22.63 -19.84 -10.84
CA SER B 14 -23.41 -19.55 -9.64
C SER B 14 -22.62 -19.94 -8.40
N PRO B 15 -22.78 -19.19 -7.31
CA PRO B 15 -22.11 -19.57 -6.06
C PRO B 15 -22.44 -21.01 -5.69
N GLY B 16 -21.45 -21.72 -5.18
CA GLY B 16 -21.60 -23.11 -4.84
C GLY B 16 -21.19 -24.09 -5.93
N GLU B 17 -20.97 -23.62 -7.15
CA GLU B 17 -20.58 -24.48 -8.26
C GLU B 17 -19.07 -24.55 -8.40
N ARG B 18 -18.61 -25.51 -9.21
N ARG B 18 -18.62 -25.53 -9.20
CA ARG B 18 -17.20 -25.72 -9.49
CA ARG B 18 -17.19 -25.73 -9.49
C ARG B 18 -16.83 -25.02 -10.79
C ARG B 18 -16.83 -25.00 -10.78
N ALA B 19 -15.85 -24.12 -10.73
CA ALA B 19 -15.36 -23.42 -11.91
C ALA B 19 -14.07 -24.06 -12.38
N THR B 20 -13.96 -24.30 -13.68
CA THR B 20 -12.80 -24.94 -14.29
C THR B 20 -12.22 -24.00 -15.34
N LEU B 21 -11.02 -23.49 -15.12
CA LEU B 21 -10.38 -22.56 -16.02
C LEU B 21 -9.20 -23.25 -16.71
N SER B 22 -9.05 -23.03 -18.02
CA SER B 22 -8.01 -23.68 -18.80
CA SER B 22 -8.01 -23.67 -18.81
C SER B 22 -6.95 -22.67 -19.21
N CYS B 23 -5.70 -23.13 -19.22
CA CYS B 23 -4.54 -22.34 -19.64
C CYS B 23 -3.65 -23.28 -20.44
N ARG B 24 -3.37 -22.90 -21.68
N ARG B 24 -3.27 -22.87 -21.66
CA ARG B 24 -2.47 -23.65 -22.56
CA ARG B 24 -2.47 -23.71 -22.55
C ARG B 24 -1.26 -22.79 -22.86
C ARG B 24 -1.32 -22.90 -23.13
N ALA B 25 -0.10 -23.42 -22.98
CA ALA B 25 1.11 -22.76 -23.42
C ALA B 25 1.52 -23.26 -24.80
N SER B 26 2.14 -22.38 -25.59
CA SER B 26 2.56 -22.79 -26.94
C SER B 26 3.74 -23.74 -26.92
N GLN B 27 4.40 -23.91 -25.78
CA GLN B 27 5.44 -24.92 -25.62
C GLN B 27 5.51 -25.24 -24.14
N SER B 28 6.20 -26.33 -23.81
CA SER B 28 6.26 -26.73 -22.41
C SER B 28 6.92 -25.64 -21.56
N VAL B 29 6.33 -25.39 -20.39
CA VAL B 29 6.90 -24.48 -19.41
C VAL B 29 7.20 -25.23 -18.11
N GLY B 30 7.24 -26.55 -18.20
CA GLY B 30 7.49 -27.38 -17.04
C GLY B 30 6.33 -27.24 -16.06
N SER B 31 6.67 -26.83 -14.84
CA SER B 31 5.68 -26.49 -13.83
C SER B 31 5.76 -25.03 -13.43
N ASP B 32 6.49 -24.20 -14.19
CA ASP B 32 6.70 -22.81 -13.83
C ASP B 32 5.51 -21.98 -14.33
N LEU B 33 4.38 -22.21 -13.68
CA LEU B 33 3.11 -21.65 -14.10
C LEU B 33 2.43 -21.08 -12.86
N ALA B 34 1.92 -19.85 -12.97
CA ALA B 34 1.26 -19.21 -11.86
C ALA B 34 -0.14 -18.78 -12.29
N TRP B 35 -1.03 -18.66 -11.30
CA TRP B 35 -2.38 -18.14 -11.52
C TRP B 35 -2.59 -16.93 -10.63
N PHE B 36 -3.22 -15.89 -11.20
CA PHE B 36 -3.51 -14.64 -10.52
C PHE B 36 -5.00 -14.32 -10.59
N GLN B 37 -5.51 -13.76 -9.49
CA GLN B 37 -6.84 -13.16 -9.46
C GLN B 37 -6.72 -11.63 -9.56
N GLN B 38 -7.62 -11.00 -10.30
CA GLN B 38 -7.66 -9.55 -10.32
C GLN B 38 -9.09 -9.03 -10.31
N LYS B 39 -9.36 -8.10 -9.40
CA LYS B 39 -10.65 -7.41 -9.34
C LYS B 39 -10.48 -5.97 -9.81
N PRO B 40 -11.55 -5.34 -10.31
CA PRO B 40 -11.42 -3.98 -10.85
C PRO B 40 -10.79 -3.04 -9.83
N GLY B 41 -9.86 -2.21 -10.31
CA GLY B 41 -9.20 -1.25 -9.46
C GLY B 41 -8.13 -1.80 -8.52
N GLN B 42 -7.84 -3.10 -8.59
CA GLN B 42 -6.91 -3.74 -7.68
C GLN B 42 -5.79 -4.43 -8.44
N ALA B 43 -4.63 -4.55 -7.80
CA ALA B 43 -3.50 -5.28 -8.40
C ALA B 43 -3.78 -6.78 -8.43
N PRO B 44 -3.12 -7.52 -9.33
CA PRO B 44 -3.27 -8.98 -9.33
C PRO B 44 -2.80 -9.58 -8.01
N ARG B 45 -3.41 -10.69 -7.63
CA ARG B 45 -3.07 -11.40 -6.41
C ARG B 45 -2.68 -12.83 -6.77
N LEU B 46 -1.48 -13.23 -6.35
CA LEU B 46 -0.99 -14.57 -6.66
C LEU B 46 -1.82 -15.63 -5.95
N LEU B 47 -2.36 -16.58 -6.71
CA LEU B 47 -3.13 -17.70 -6.17
C LEU B 47 -2.34 -19.00 -6.09
N ILE B 48 -1.66 -19.36 -7.18
CA ILE B 48 -1.04 -20.66 -7.36
C ILE B 48 0.31 -20.40 -8.01
N TYR B 49 1.33 -21.15 -7.59
CA TYR B 49 2.62 -21.10 -8.27
C TYR B 49 3.16 -22.52 -8.36
N GLY B 50 4.21 -22.70 -9.16
CA GLY B 50 4.69 -24.05 -9.42
C GLY B 50 3.59 -24.96 -9.94
N ALA B 51 2.63 -24.40 -10.67
CA ALA B 51 1.49 -25.11 -11.26
C ALA B 51 0.47 -25.59 -10.24
N PHE B 52 0.89 -26.07 -9.06
CA PHE B 52 -0.07 -26.66 -8.14
C PHE B 52 0.07 -26.22 -6.68
N THR B 53 0.97 -25.29 -6.36
CA THR B 53 1.19 -24.89 -4.97
C THR B 53 0.37 -23.65 -4.64
N ARG B 54 -0.44 -23.73 -3.59
CA ARG B 54 -1.30 -22.61 -3.22
CA ARG B 54 -1.30 -22.62 -3.22
C ARG B 54 -0.51 -21.58 -2.42
N ALA B 55 -0.65 -20.30 -2.78
CA ALA B 55 0.08 -19.27 -2.07
C ALA B 55 -0.51 -19.06 -0.68
N THR B 56 0.31 -18.50 0.20
CA THR B 56 -0.13 -18.25 1.57
C THR B 56 -1.32 -17.29 1.59
N GLY B 57 -2.27 -17.57 2.47
CA GLY B 57 -3.45 -16.76 2.60
C GLY B 57 -4.58 -17.06 1.63
N ILE B 58 -4.36 -17.93 0.65
CA ILE B 58 -5.38 -18.23 -0.35
C ILE B 58 -6.27 -19.38 0.13
N PRO B 59 -7.60 -19.26 0.06
CA PRO B 59 -8.46 -20.36 0.55
C PRO B 59 -8.25 -21.64 -0.25
N ALA B 60 -8.54 -22.76 0.41
CA ALA B 60 -8.25 -24.07 -0.16
C ALA B 60 -9.15 -24.43 -1.34
N ARG B 61 -10.25 -23.71 -1.54
CA ARG B 61 -11.09 -24.00 -2.70
C ARG B 61 -10.40 -23.67 -4.02
N PHE B 62 -9.30 -22.93 -4.01
CA PHE B 62 -8.51 -22.68 -5.21
C PHE B 62 -7.46 -23.77 -5.34
N SER B 63 -7.41 -24.44 -6.48
CA SER B 63 -6.32 -25.38 -6.71
C SER B 63 -5.91 -25.36 -8.17
N GLY B 64 -4.60 -25.51 -8.41
CA GLY B 64 -4.05 -25.61 -9.74
C GLY B 64 -3.59 -27.03 -10.01
N SER B 65 -3.59 -27.40 -11.29
CA SER B 65 -3.11 -28.71 -11.69
C SER B 65 -2.55 -28.59 -13.10
N GLY B 66 -1.88 -29.65 -13.56
CA GLY B 66 -1.33 -29.67 -14.90
C GLY B 66 0.19 -29.63 -14.89
N SER B 67 0.74 -29.72 -16.09
CA SER B 67 2.18 -29.79 -16.33
C SER B 67 2.44 -29.67 -17.83
N GLY B 68 3.66 -29.28 -18.16
CA GLY B 68 4.07 -29.14 -19.55
C GLY B 68 3.44 -27.91 -20.15
N SER B 69 2.42 -28.09 -20.99
CA SER B 69 1.77 -26.96 -21.64
C SER B 69 0.29 -26.87 -21.31
N GLU B 70 -0.21 -27.68 -20.37
CA GLU B 70 -1.64 -27.83 -20.14
C GLU B 70 -1.93 -27.68 -18.66
N PHE B 71 -2.70 -26.66 -18.30
CA PHE B 71 -2.92 -26.32 -16.90
C PHE B 71 -4.37 -25.95 -16.68
N THR B 72 -4.80 -26.11 -15.44
CA THR B 72 -6.20 -25.95 -15.05
C THR B 72 -6.23 -25.30 -13.67
N LEU B 73 -7.06 -24.29 -13.52
CA LEU B 73 -7.40 -23.72 -12.21
C LEU B 73 -8.82 -24.15 -11.88
N THR B 74 -8.99 -24.81 -10.75
CA THR B 74 -10.31 -25.21 -10.27
C THR B 74 -10.67 -24.39 -9.04
N ILE B 75 -11.83 -23.73 -9.10
CA ILE B 75 -12.41 -23.08 -7.94
C ILE B 75 -13.59 -23.94 -7.50
N SER B 76 -13.43 -24.63 -6.38
CA SER B 76 -14.52 -25.45 -5.86
CA SER B 76 -14.52 -25.45 -5.87
C SER B 76 -15.42 -24.60 -4.97
N SER B 77 -16.71 -24.93 -4.99
N SER B 77 -16.71 -24.94 -4.97
CA SER B 77 -17.73 -24.25 -4.22
CA SER B 77 -17.71 -24.23 -4.16
C SER B 77 -17.53 -22.73 -4.28
C SER B 77 -17.51 -22.71 -4.27
N LEU B 78 -17.65 -22.21 -5.49
CA LEU B 78 -17.37 -20.80 -5.76
C LEU B 78 -18.18 -19.89 -4.84
N GLN B 79 -17.52 -18.85 -4.33
CA GLN B 79 -18.20 -17.86 -3.51
C GLN B 79 -18.27 -16.52 -4.25
N SER B 80 -19.20 -15.67 -3.79
CA SER B 80 -19.42 -14.38 -4.43
C SER B 80 -18.14 -13.54 -4.48
N GLU B 81 -17.26 -13.70 -3.49
N GLU B 81 -17.26 -13.70 -3.49
CA GLU B 81 -15.97 -13.01 -3.50
CA GLU B 81 -15.99 -12.97 -3.52
C GLU B 81 -15.06 -13.45 -4.65
C GLU B 81 -15.04 -13.49 -4.60
N ASP B 82 -15.40 -14.53 -5.35
CA ASP B 82 -14.52 -15.08 -6.38
C ASP B 82 -14.82 -14.56 -7.78
N PHE B 83 -15.89 -13.79 -7.97
CA PHE B 83 -16.12 -13.20 -9.28
C PHE B 83 -15.04 -12.18 -9.55
N ALA B 84 -14.28 -12.41 -10.61
CA ALA B 84 -13.05 -11.68 -10.89
C ALA B 84 -12.53 -12.14 -12.25
N VAL B 85 -11.41 -11.56 -12.66
CA VAL B 85 -10.67 -12.02 -13.83
C VAL B 85 -9.48 -12.83 -13.33
N TYR B 86 -9.22 -13.95 -13.98
CA TYR B 86 -8.12 -14.84 -13.60
C TYR B 86 -7.14 -14.93 -14.76
N TYR B 87 -5.87 -14.70 -14.47
CA TYR B 87 -4.77 -14.77 -15.43
C TYR B 87 -3.87 -15.94 -15.10
N CYS B 88 -3.41 -16.67 -16.13
CA CYS B 88 -2.27 -17.55 -15.92
C CYS B 88 -1.01 -16.87 -16.47
N GLN B 89 0.14 -17.37 -16.03
CA GLN B 89 1.42 -16.78 -16.41
C GLN B 89 2.47 -17.87 -16.37
N GLN B 90 3.25 -18.01 -17.45
CA GLN B 90 4.43 -18.87 -17.38
C GLN B 90 5.64 -18.05 -16.99
N TYR B 91 6.46 -18.61 -16.11
CA TYR B 91 7.72 -17.95 -15.75
C TYR B 91 8.88 -18.92 -15.94
N ASN B 92 8.81 -19.70 -17.02
CA ASN B 92 9.89 -20.56 -17.49
C ASN B 92 10.81 -19.88 -18.50
N ARG B 93 10.24 -19.11 -19.43
CA ARG B 93 11.01 -18.45 -20.50
C ARG B 93 10.55 -16.99 -20.55
N TRP B 94 11.33 -16.08 -19.96
CA TRP B 94 10.87 -14.71 -19.73
C TRP B 94 9.56 -14.79 -18.93
N TRP B 95 8.64 -13.86 -19.16
CA TRP B 95 7.41 -13.78 -18.38
C TRP B 95 6.28 -13.37 -19.31
N THR B 96 5.35 -14.29 -19.58
CA THR B 96 4.20 -14.01 -20.44
C THR B 96 2.92 -14.49 -19.79
N PHE B 97 1.84 -13.74 -20.03
CA PHE B 97 0.54 -13.93 -19.41
C PHE B 97 -0.49 -14.37 -20.44
N GLY B 98 -1.47 -15.16 -20.00
CA GLY B 98 -2.68 -15.34 -20.78
C GLY B 98 -3.53 -14.06 -20.75
N GLN B 99 -4.56 -14.04 -21.59
CA GLN B 99 -5.35 -12.82 -21.71
C GLN B 99 -6.52 -12.78 -20.74
N GLY B 100 -6.66 -13.77 -19.87
CA GLY B 100 -7.60 -13.73 -18.77
C GLY B 100 -8.89 -14.46 -19.06
N THR B 101 -9.47 -15.04 -18.01
CA THR B 101 -10.84 -15.55 -18.02
C THR B 101 -11.63 -14.76 -16.99
N LYS B 102 -12.74 -14.16 -17.42
CA LYS B 102 -13.63 -13.46 -16.49
C LYS B 102 -14.63 -14.46 -15.93
N VAL B 103 -14.66 -14.58 -14.61
CA VAL B 103 -15.70 -15.38 -13.94
C VAL B 103 -16.79 -14.42 -13.50
N GLU B 104 -17.97 -14.51 -14.11
CA GLU B 104 -19.09 -13.61 -13.85
C GLU B 104 -20.26 -14.39 -13.28
N MET B 105 -21.25 -13.65 -12.78
CA MET B 105 -22.39 -14.29 -12.13
C MET B 105 -23.41 -14.71 -13.19
N LYS B 106 -23.81 -15.98 -13.14
CA LYS B 106 -24.81 -16.51 -14.06
C LYS B 106 -26.20 -16.15 -13.55
N ARG B 107 -27.10 -15.84 -14.49
CA ARG B 107 -28.50 -15.61 -14.14
C ARG B 107 -29.34 -15.82 -15.39
N THR B 108 -30.66 -15.76 -15.22
CA THR B 108 -31.58 -15.92 -16.34
C THR B 108 -31.58 -14.68 -17.21
N VAL B 109 -32.11 -14.85 -18.43
CA VAL B 109 -32.03 -13.78 -19.42
C VAL B 109 -32.83 -12.58 -18.96
N ALA B 110 -32.34 -11.40 -19.30
CA ALA B 110 -33.07 -10.14 -19.11
C ALA B 110 -32.85 -9.32 -20.36
N ALA B 111 -33.94 -9.01 -21.07
CA ALA B 111 -33.82 -8.20 -22.26
C ALA B 111 -33.58 -6.75 -21.86
N PRO B 112 -32.75 -6.02 -22.61
CA PRO B 112 -32.54 -4.61 -22.31
C PRO B 112 -33.78 -3.78 -22.60
N SER B 113 -34.01 -2.75 -21.78
CA SER B 113 -34.82 -1.64 -22.26
C SER B 113 -33.89 -0.71 -23.03
N VAL B 114 -34.39 -0.18 -24.15
CA VAL B 114 -33.58 0.57 -25.09
C VAL B 114 -34.13 1.99 -25.19
N PHE B 115 -33.22 2.97 -25.19
CA PHE B 115 -33.56 4.38 -25.25
C PHE B 115 -32.61 5.10 -26.19
N ILE B 116 -33.11 6.09 -26.93
CA ILE B 116 -32.25 6.89 -27.82
C ILE B 116 -32.37 8.35 -27.44
N PHE B 117 -31.25 9.05 -27.43
CA PHE B 117 -31.19 10.45 -27.05
C PHE B 117 -30.65 11.27 -28.20
N PRO B 118 -31.43 12.19 -28.75
CA PRO B 118 -30.91 13.10 -29.77
C PRO B 118 -29.89 14.05 -29.16
N PRO B 119 -29.07 14.70 -29.97
CA PRO B 119 -28.19 15.74 -29.42
C PRO B 119 -29.01 16.89 -28.86
N SER B 120 -28.51 17.47 -27.78
CA SER B 120 -29.17 18.61 -27.17
C SER B 120 -28.98 19.86 -28.03
N ASP B 121 -29.92 20.79 -27.93
CA ASP B 121 -29.74 22.08 -28.61
C ASP B 121 -28.49 22.79 -28.11
N GLU B 122 -28.15 22.66 -26.82
N GLU B 122 -28.16 22.66 -26.83
CA GLU B 122 -26.95 23.32 -26.31
CA GLU B 122 -26.95 23.31 -26.30
C GLU B 122 -25.69 22.76 -26.96
C GLU B 122 -25.69 22.76 -26.97
N GLN B 123 -25.64 21.45 -27.21
CA GLN B 123 -24.45 20.89 -27.85
C GLN B 123 -24.34 21.34 -29.30
N LEU B 124 -25.46 21.41 -30.02
CA LEU B 124 -25.42 21.78 -31.43
C LEU B 124 -24.81 23.17 -31.63
N LYS B 125 -24.95 24.06 -30.65
CA LYS B 125 -24.34 25.38 -30.77
C LYS B 125 -22.81 25.30 -30.88
N SER B 126 -22.20 24.25 -30.34
CA SER B 126 -20.74 24.16 -30.28
C SER B 126 -20.12 23.53 -31.52
N GLY B 127 -20.90 22.93 -32.40
CA GLY B 127 -20.39 22.39 -33.65
C GLY B 127 -20.38 20.88 -33.75
N THR B 128 -20.67 20.17 -32.66
CA THR B 128 -20.68 18.71 -32.69
C THR B 128 -22.03 18.20 -32.22
N ALA B 129 -22.34 16.97 -32.64
CA ALA B 129 -23.58 16.31 -32.30
C ALA B 129 -23.27 14.91 -31.80
N SER B 130 -23.77 14.58 -30.61
CA SER B 130 -23.67 13.24 -30.04
C SER B 130 -25.06 12.64 -30.00
N VAL B 131 -25.20 11.43 -30.54
CA VAL B 131 -26.43 10.67 -30.42
C VAL B 131 -26.11 9.48 -29.53
N VAL B 132 -26.94 9.26 -28.50
CA VAL B 132 -26.66 8.26 -27.49
C VAL B 132 -27.76 7.21 -27.50
N CYS B 133 -27.35 5.94 -27.52
CA CYS B 133 -28.26 4.80 -27.37
C CYS B 133 -27.93 4.09 -26.06
N LEU B 134 -28.95 3.89 -25.23
CA LEU B 134 -28.80 3.26 -23.92
C LEU B 134 -29.46 1.89 -23.94
N LEU B 135 -28.73 0.88 -23.48
CA LEU B 135 -29.26 -0.47 -23.26
C LEU B 135 -29.22 -0.71 -21.76
N ASN B 136 -30.39 -0.85 -21.13
CA ASN B 136 -30.50 -0.80 -19.68
C ASN B 136 -30.76 -2.20 -19.10
N ASN B 137 -29.86 -2.65 -18.23
CA ASN B 137 -30.02 -3.81 -17.34
C ASN B 137 -30.39 -5.08 -18.11
N PHE B 138 -29.40 -5.59 -18.86
CA PHE B 138 -29.60 -6.81 -19.64
C PHE B 138 -28.64 -7.92 -19.21
N TYR B 139 -29.00 -9.15 -19.61
CA TYR B 139 -28.20 -10.36 -19.40
C TYR B 139 -28.68 -11.40 -20.39
N PRO B 140 -27.79 -12.14 -21.07
CA PRO B 140 -26.33 -12.12 -20.93
C PRO B 140 -25.68 -10.88 -21.54
N ARG B 141 -24.35 -10.82 -21.43
CA ARG B 141 -23.59 -9.65 -21.83
C ARG B 141 -23.65 -9.38 -23.32
N GLU B 142 -23.70 -10.44 -24.14
CA GLU B 142 -23.58 -10.28 -25.58
C GLU B 142 -24.72 -9.41 -26.10
N ALA B 143 -24.37 -8.37 -26.85
CA ALA B 143 -25.35 -7.42 -27.36
C ALA B 143 -24.76 -6.73 -28.58
N LYS B 144 -25.60 -6.50 -29.58
CA LYS B 144 -25.18 -5.87 -30.81
C LYS B 144 -25.94 -4.56 -30.98
N VAL B 145 -25.22 -3.47 -31.18
CA VAL B 145 -25.84 -2.18 -31.42
C VAL B 145 -25.44 -1.72 -32.81
N GLN B 146 -26.42 -1.29 -33.58
CA GLN B 146 -26.21 -0.87 -34.96
C GLN B 146 -26.82 0.50 -35.17
N TRP B 147 -26.01 1.45 -35.63
CA TRP B 147 -26.47 2.81 -35.92
C TRP B 147 -26.78 2.96 -37.40
N LYS B 148 -27.93 3.54 -37.72
CA LYS B 148 -28.25 3.93 -39.09
C LYS B 148 -28.70 5.40 -39.10
N VAL B 149 -28.21 6.12 -40.10
CA VAL B 149 -28.55 7.52 -40.34
C VAL B 149 -29.11 7.58 -41.76
N ASP B 150 -30.43 7.82 -41.87
CA ASP B 150 -31.13 7.73 -43.15
C ASP B 150 -30.81 6.42 -43.86
N ASN B 151 -30.86 5.33 -43.10
CA ASN B 151 -30.62 3.97 -43.55
C ASN B 151 -29.17 3.70 -43.97
N ALA B 152 -28.24 4.63 -43.74
CA ALA B 152 -26.82 4.35 -43.96
C ALA B 152 -26.23 3.76 -42.67
N LEU B 153 -25.69 2.55 -42.76
CA LEU B 153 -25.04 1.91 -41.62
C LEU B 153 -23.80 2.69 -41.22
N GLN B 154 -23.72 3.05 -39.94
CA GLN B 154 -22.58 3.81 -39.42
C GLN B 154 -21.53 2.85 -38.90
N SER B 155 -20.29 3.04 -39.32
CA SER B 155 -19.23 2.14 -38.89
C SER B 155 -17.99 2.96 -38.58
N GLY B 156 -17.49 2.84 -37.34
CA GLY B 156 -16.25 3.47 -36.93
C GLY B 156 -16.42 4.81 -36.25
N ASN B 157 -17.62 5.38 -36.22
CA ASN B 157 -17.83 6.67 -35.59
C ASN B 157 -18.73 6.55 -34.36
N SER B 158 -18.70 5.41 -33.69
CA SER B 158 -19.37 5.28 -32.42
C SER B 158 -18.41 4.65 -31.41
N GLN B 159 -18.68 4.91 -30.13
CA GLN B 159 -17.93 4.30 -29.04
C GLN B 159 -18.91 3.75 -28.03
N GLU B 160 -18.64 2.53 -27.53
CA GLU B 160 -19.47 1.88 -26.54
C GLU B 160 -18.77 1.87 -25.19
N SER B 161 -19.59 1.84 -24.14
CA SER B 161 -19.12 1.72 -22.77
C SER B 161 -20.07 0.79 -22.03
N VAL B 162 -19.53 -0.07 -21.18
CA VAL B 162 -20.34 -1.04 -20.46
C VAL B 162 -20.04 -0.95 -18.97
N THR B 163 -21.08 -1.09 -18.14
CA THR B 163 -20.88 -1.12 -16.70
C THR B 163 -20.37 -2.48 -16.23
N GLU B 164 -19.74 -2.47 -15.06
N GLU B 164 -19.72 -2.47 -15.07
CA GLU B 164 -19.50 -3.69 -14.31
CA GLU B 164 -19.48 -3.72 -14.36
C GLU B 164 -20.82 -4.39 -14.02
C GLU B 164 -20.80 -4.39 -14.02
N GLN B 165 -20.79 -5.72 -13.94
CA GLN B 165 -21.99 -6.48 -13.65
C GLN B 165 -22.63 -5.99 -12.35
N ASP B 166 -23.94 -5.73 -12.39
CA ASP B 166 -24.62 -5.12 -11.25
C ASP B 166 -24.58 -6.03 -10.03
N SER B 167 -24.22 -5.46 -8.87
CA SER B 167 -24.11 -6.27 -7.67
C SER B 167 -25.46 -6.73 -7.13
N LYS B 168 -26.57 -6.12 -7.57
CA LYS B 168 -27.89 -6.43 -7.03
C LYS B 168 -28.75 -7.29 -7.95
N ASP B 169 -28.67 -7.10 -9.28
CA ASP B 169 -29.45 -7.96 -10.17
C ASP B 169 -28.59 -8.66 -11.21
N SER B 170 -27.27 -8.52 -11.13
CA SER B 170 -26.31 -9.23 -11.98
C SER B 170 -26.48 -8.92 -13.47
N THR B 171 -27.05 -7.77 -13.82
CA THR B 171 -27.17 -7.38 -15.22
C THR B 171 -26.06 -6.41 -15.61
N TYR B 172 -26.02 -6.12 -16.91
CA TYR B 172 -25.12 -5.17 -17.51
C TYR B 172 -25.94 -4.03 -18.10
N SER B 173 -25.34 -2.85 -18.19
CA SER B 173 -25.91 -1.78 -19.00
C SER B 173 -24.83 -1.26 -19.92
N LEU B 174 -25.25 -0.65 -21.02
CA LEU B 174 -24.31 -0.30 -22.08
C LEU B 174 -24.81 0.98 -22.76
N SER B 175 -23.88 1.88 -23.05
CA SER B 175 -24.18 3.02 -23.88
C SER B 175 -23.39 2.92 -25.18
N SER B 176 -24.01 3.34 -26.27
CA SER B 176 -23.30 3.57 -27.53
C SER B 176 -23.52 5.01 -27.94
N THR B 177 -22.44 5.70 -28.30
CA THR B 177 -22.46 7.12 -28.60
C THR B 177 -21.96 7.34 -30.01
N LEU B 178 -22.83 7.83 -30.87
CA LEU B 178 -22.50 8.17 -32.25
C LEU B 178 -22.13 9.65 -32.32
N THR B 179 -20.97 9.94 -32.91
CA THR B 179 -20.52 11.32 -33.07
C THR B 179 -20.61 11.74 -34.52
N LEU B 180 -21.27 12.88 -34.77
CA LEU B 180 -21.31 13.51 -36.08
C LEU B 180 -21.00 14.99 -35.94
N SER B 181 -20.54 15.59 -37.03
CA SER B 181 -20.46 17.03 -37.08
C SER B 181 -21.86 17.61 -37.11
N LYS B 182 -21.99 18.83 -36.58
CA LYS B 182 -23.28 19.53 -36.67
C LYS B 182 -23.78 19.59 -38.10
N ALA B 183 -22.88 19.90 -39.04
CA ALA B 183 -23.27 20.01 -40.45
C ALA B 183 -23.82 18.69 -40.99
N ASP B 184 -23.17 17.57 -40.66
CA ASP B 184 -23.70 16.28 -41.08
C ASP B 184 -25.02 15.97 -40.39
N TYR B 185 -25.10 16.25 -39.08
CA TYR B 185 -26.34 15.98 -38.35
C TYR B 185 -27.54 16.65 -39.01
N GLU B 186 -27.38 17.91 -39.44
CA GLU B 186 -28.47 18.64 -40.05
C GLU B 186 -28.73 18.27 -41.51
N LYS B 187 -27.88 17.43 -42.12
CA LYS B 187 -28.11 16.93 -43.47
C LYS B 187 -29.03 15.71 -43.52
N HIS B 188 -29.43 15.16 -42.37
CA HIS B 188 -30.14 13.89 -42.37
C HIS B 188 -31.31 13.95 -41.41
N LYS B 189 -32.30 13.09 -41.66
CA LYS B 189 -33.56 13.08 -40.93
C LYS B 189 -33.67 11.96 -39.89
N VAL B 190 -33.48 10.71 -40.31
CA VAL B 190 -33.82 9.55 -39.49
C VAL B 190 -32.56 9.04 -38.80
N TYR B 191 -32.56 9.09 -37.46
CA TYR B 191 -31.49 8.57 -36.63
C TYR B 191 -32.02 7.37 -35.87
N ALA B 192 -31.37 6.22 -36.01
CA ALA B 192 -31.90 4.99 -35.46
C ALA B 192 -30.80 4.13 -34.87
N CYS B 193 -31.12 3.49 -33.75
N CYS B 193 -31.03 3.56 -33.69
CA CYS B 193 -30.25 2.54 -33.07
CA CYS B 193 -30.15 2.52 -33.16
C CYS B 193 -30.98 1.21 -33.02
C CYS B 193 -30.93 1.23 -33.04
N GLU B 194 -30.38 0.17 -33.63
CA GLU B 194 -30.97 -1.15 -33.63
C GLU B 194 -30.21 -2.03 -32.65
N VAL B 195 -30.94 -2.67 -31.74
CA VAL B 195 -30.35 -3.49 -30.68
C VAL B 195 -30.75 -4.94 -30.91
N THR B 196 -29.76 -5.81 -30.99
CA THR B 196 -29.94 -7.26 -31.03
C THR B 196 -29.50 -7.85 -29.70
N HIS B 197 -30.38 -8.65 -29.09
CA HIS B 197 -30.04 -9.30 -27.83
C HIS B 197 -30.88 -10.57 -27.73
N GLN B 198 -30.32 -11.59 -27.07
CA GLN B 198 -30.98 -12.90 -27.08
C GLN B 198 -32.27 -12.91 -26.28
N GLY B 199 -32.48 -11.92 -25.41
CA GLY B 199 -33.78 -11.79 -24.77
C GLY B 199 -34.86 -11.12 -25.59
N LEU B 200 -34.50 -10.54 -26.73
CA LEU B 200 -35.45 -9.85 -27.62
C LEU B 200 -35.83 -10.79 -28.75
N SER B 201 -37.14 -10.95 -28.97
CA SER B 201 -37.58 -11.89 -30.00
C SER B 201 -37.08 -11.48 -31.38
N SER B 202 -37.06 -10.19 -31.66
CA SER B 202 -36.45 -9.65 -32.87
C SER B 202 -35.78 -8.34 -32.48
N PRO B 203 -34.84 -7.85 -33.28
CA PRO B 203 -34.11 -6.64 -32.89
C PRO B 203 -35.03 -5.45 -32.64
N VAL B 204 -34.67 -4.63 -31.67
CA VAL B 204 -35.47 -3.47 -31.31
C VAL B 204 -34.79 -2.22 -31.85
N THR B 205 -35.55 -1.39 -32.53
CA THR B 205 -35.07 -0.14 -33.09
C THR B 205 -35.71 1.03 -32.36
N LYS B 206 -34.90 1.92 -31.82
CA LYS B 206 -35.36 3.20 -31.32
C LYS B 206 -34.80 4.28 -32.25
N SER B 207 -35.65 5.21 -32.63
CA SER B 207 -35.26 6.17 -33.65
C SER B 207 -35.95 7.51 -33.38
N PHE B 208 -35.45 8.55 -34.03
CA PHE B 208 -36.15 9.83 -34.04
C PHE B 208 -35.89 10.50 -35.37
N ASN B 209 -36.75 11.46 -35.69
CA ASN B 209 -36.57 12.33 -36.83
C ASN B 209 -36.07 13.67 -36.30
N ARG B 210 -34.93 14.12 -36.82
CA ARG B 210 -34.37 15.38 -36.39
C ARG B 210 -35.40 16.50 -36.55
N GLY B 211 -35.69 17.20 -35.45
CA GLY B 211 -36.62 18.30 -35.46
C GLY B 211 -37.98 18.01 -34.86
N GLU B 212 -38.37 16.73 -34.78
CA GLU B 212 -39.68 16.39 -34.24
C GLU B 212 -39.61 16.27 -32.72
N CYS B 213 -40.73 16.58 -32.07
CA CYS B 213 -40.81 16.56 -30.61
C CYS B 213 -40.83 15.13 -30.08
N GLN C 1 -5.47 -2.64 -1.02
CA GLN C 1 -5.50 -1.84 -2.24
C GLN C 1 -5.12 -0.39 -1.96
N VAL C 2 -5.92 0.28 -1.13
CA VAL C 2 -5.75 1.71 -0.89
C VAL C 2 -4.44 1.98 -0.15
N GLN C 3 -3.71 3.01 -0.59
CA GLN C 3 -2.46 3.40 0.05
C GLN C 3 -2.35 4.92 0.12
N LEU C 4 -1.66 5.38 1.16
CA LEU C 4 -1.19 6.76 1.26
C LEU C 4 0.33 6.74 1.14
N VAL C 5 0.89 7.72 0.44
CA VAL C 5 2.32 7.74 0.15
C VAL C 5 2.86 9.11 0.52
N GLU C 6 3.73 9.17 1.52
CA GLU C 6 4.34 10.42 1.94
C GLU C 6 5.69 10.59 1.26
N SER C 7 6.13 11.84 1.17
CA SER C 7 7.44 12.12 0.62
C SER C 7 7.92 13.46 1.17
N GLY C 8 9.22 13.71 1.02
CA GLY C 8 9.82 14.95 1.42
C GLY C 8 10.65 14.89 2.68
N GLY C 9 10.67 13.75 3.37
CA GLY C 9 11.51 13.61 4.54
C GLY C 9 12.99 13.70 4.20
N GLY C 10 13.80 13.74 5.25
CA GLY C 10 15.24 13.77 5.08
C GLY C 10 15.89 14.35 6.31
N VAL C 11 17.20 14.55 6.19
CA VAL C 11 17.98 15.17 7.26
C VAL C 11 17.87 16.69 7.11
N VAL C 12 17.51 17.38 8.19
CA VAL C 12 17.36 18.82 8.17
C VAL C 12 18.01 19.39 9.43
N GLN C 13 18.70 20.51 9.27
CA GLN C 13 19.38 21.12 10.41
C GLN C 13 18.37 21.83 11.31
N PRO C 14 18.60 21.82 12.63
CA PRO C 14 17.69 22.53 13.53
C PRO C 14 17.53 23.98 13.13
N GLY C 15 16.34 24.51 13.35
CA GLY C 15 16.00 25.85 12.95
C GLY C 15 15.49 25.97 11.53
N ARG C 16 15.71 24.95 10.69
CA ARG C 16 15.37 25.02 9.28
C ARG C 16 13.96 24.47 9.04
N SER C 17 13.55 24.48 7.76
CA SER C 17 12.20 24.11 7.35
C SER C 17 12.22 22.87 6.47
N LEU C 18 11.04 22.28 6.31
CA LEU C 18 10.89 21.11 5.47
C LEU C 18 9.41 20.95 5.16
N ARG C 19 9.08 20.64 3.91
CA ARG C 19 7.70 20.44 3.50
C ARG C 19 7.49 18.98 3.11
N LEU C 20 6.58 18.31 3.80
CA LEU C 20 6.19 16.97 3.46
C LEU C 20 4.95 17.01 2.57
N SER C 21 4.79 15.98 1.75
CA SER C 21 3.64 15.83 0.87
CA SER C 21 3.63 15.85 0.89
C SER C 21 3.03 14.46 1.05
N CYS C 22 1.73 14.36 0.76
CA CYS C 22 1.01 13.10 0.87
C CYS C 22 0.06 12.96 -0.31
N ALA C 23 0.07 11.80 -0.96
CA ALA C 23 -0.81 11.49 -2.08
C ALA C 23 -1.46 10.14 -1.84
N ALA C 24 -2.57 9.90 -2.52
CA ALA C 24 -3.36 8.69 -2.36
C ALA C 24 -3.29 7.82 -3.62
N SER C 25 -3.41 6.51 -3.42
CA SER C 25 -3.54 5.55 -4.50
C SER C 25 -4.75 4.68 -4.25
N GLY C 26 -5.63 4.59 -5.24
CA GLY C 26 -6.83 3.80 -5.12
C GLY C 26 -8.06 4.58 -4.69
N PHE C 27 -7.89 5.84 -4.28
CA PHE C 27 -9.02 6.67 -3.92
C PHE C 27 -8.63 8.12 -4.16
N THR C 28 -9.62 9.01 -4.09
CA THR C 28 -9.40 10.43 -4.31
C THR C 28 -9.22 11.11 -2.96
N LEU C 29 -8.03 11.66 -2.73
CA LEU C 29 -7.68 12.15 -1.39
C LEU C 29 -8.56 13.33 -0.97
N SER C 30 -8.95 14.18 -1.92
CA SER C 30 -9.79 15.34 -1.65
C SER C 30 -11.20 14.98 -1.18
N ASN C 31 -11.56 13.69 -1.17
CA ASN C 31 -12.79 13.28 -0.52
C ASN C 31 -12.66 13.20 0.99
N TYR C 32 -11.47 13.38 1.54
CA TYR C 32 -11.18 13.04 2.92
C TYR C 32 -10.39 14.16 3.59
N GLY C 33 -10.74 14.43 4.84
CA GLY C 33 -9.79 15.08 5.72
C GLY C 33 -8.53 14.25 5.84
N VAL C 34 -7.43 14.88 6.21
CA VAL C 34 -6.15 14.20 6.24
C VAL C 34 -5.41 14.54 7.51
N HIS C 35 -5.01 13.52 8.26
CA HIS C 35 -4.23 13.67 9.47
C HIS C 35 -2.75 13.42 9.19
N TRP C 36 -1.89 14.01 10.01
CA TRP C 36 -0.51 13.57 10.14
C TRP C 36 -0.31 13.09 11.57
N VAL C 37 0.37 11.97 11.70
CA VAL C 37 0.72 11.37 12.98
C VAL C 37 2.20 11.03 12.91
N ARG C 38 2.92 11.30 14.00
CA ARG C 38 4.36 11.03 14.00
C ARG C 38 4.74 10.06 15.11
N GLN C 39 5.88 9.41 14.92
CA GLN C 39 6.39 8.41 15.85
C GLN C 39 7.91 8.55 15.91
N ALA C 40 8.39 9.01 17.05
CA ALA C 40 9.82 9.14 17.24
C ALA C 40 10.42 7.79 17.62
N PRO C 41 11.72 7.57 17.35
CA PRO C 41 12.30 6.26 17.58
C PRO C 41 12.12 5.79 19.02
N GLY C 42 11.65 4.56 19.17
CA GLY C 42 11.49 3.95 20.47
C GLY C 42 10.33 4.44 21.29
N THR C 43 9.51 5.36 20.78
CA THR C 43 8.34 5.81 21.53
C THR C 43 7.08 5.55 20.70
N GLY C 44 5.98 6.16 21.12
CA GLY C 44 4.67 5.84 20.58
C GLY C 44 4.19 6.81 19.52
N LEU C 45 2.88 6.92 19.38
CA LEU C 45 2.27 7.69 18.32
C LEU C 45 1.81 9.03 18.87
N GLU C 46 2.04 10.11 18.11
CA GLU C 46 1.62 11.45 18.51
C GLU C 46 0.91 12.11 17.35
N TRP C 47 -0.38 12.44 17.53
CA TRP C 47 -1.12 13.19 16.52
C TRP C 47 -0.50 14.56 16.32
N VAL C 48 -0.41 14.99 15.07
CA VAL C 48 0.29 16.22 14.69
C VAL C 48 -0.67 17.29 14.16
N ALA C 49 -1.49 16.95 13.16
CA ALA C 49 -2.35 17.96 12.53
C ALA C 49 -3.44 17.30 11.72
N LEU C 50 -4.47 18.09 11.40
CA LEU C 50 -5.58 17.67 10.56
C LEU C 50 -5.98 18.81 9.63
N ILE C 51 -6.31 18.47 8.38
CA ILE C 51 -6.93 19.44 7.48
C ILE C 51 -8.21 18.85 6.92
N TRP C 52 -9.26 19.67 6.88
CA TRP C 52 -10.56 19.30 6.35
C TRP C 52 -10.44 18.92 4.87
N TYR C 53 -11.44 18.17 4.38
CA TYR C 53 -11.43 17.72 2.99
C TYR C 53 -11.29 18.89 2.02
N ASP C 54 -11.97 20.01 2.29
CA ASP C 54 -11.93 21.17 1.41
C ASP C 54 -10.87 22.19 1.83
N GLY C 55 -10.01 21.84 2.78
CA GLY C 55 -8.98 22.75 3.22
C GLY C 55 -9.40 23.87 4.14
N SER C 56 -10.69 23.91 4.56
CA SER C 56 -11.16 24.98 5.41
C SER C 56 -10.56 24.88 6.81
N ASN C 57 -11.08 23.97 7.64
CA ASN C 57 -10.57 23.84 9.00
C ASN C 57 -9.20 23.19 9.02
N LYS C 58 -8.34 23.70 9.90
CA LYS C 58 -6.99 23.16 10.10
C LYS C 58 -6.72 23.13 11.59
N PHE C 59 -6.25 21.99 12.10
CA PHE C 59 -6.02 21.84 13.53
C PHE C 59 -4.62 21.27 13.78
N TYR C 60 -4.02 21.66 14.89
CA TYR C 60 -2.64 21.33 15.24
C TYR C 60 -2.52 20.88 16.68
N ALA C 61 -1.65 19.89 16.93
CA ALA C 61 -1.23 19.58 18.28
C ALA C 61 -0.52 20.78 18.91
N ASP C 62 -0.75 20.99 20.22
CA ASP C 62 -0.07 22.06 20.94
C ASP C 62 1.43 22.03 20.73
N SER C 63 2.00 20.83 20.59
CA SER C 63 3.45 20.68 20.46
C SER C 63 3.98 21.22 19.13
N VAL C 64 3.14 21.45 18.13
CA VAL C 64 3.61 21.98 16.86
C VAL C 64 2.90 23.27 16.47
N LYS C 65 1.96 23.75 17.29
N LYS C 65 1.95 23.74 17.27
CA LYS C 65 1.20 24.95 16.98
CA LYS C 65 1.17 24.93 16.91
C LYS C 65 2.13 26.15 16.81
C LYS C 65 2.08 26.15 16.82
N GLY C 66 1.90 26.93 15.75
CA GLY C 66 2.74 28.08 15.49
C GLY C 66 4.00 27.79 14.71
N ARG C 67 4.36 26.52 14.52
CA ARG C 67 5.52 26.13 13.75
C ARG C 67 5.19 25.30 12.51
N PHE C 68 4.15 24.49 12.57
CA PHE C 68 3.72 23.69 11.44
C PHE C 68 2.46 24.29 10.81
N THR C 69 2.36 24.20 9.50
CA THR C 69 1.17 24.63 8.77
CA THR C 69 1.15 24.62 8.79
C THR C 69 0.79 23.53 7.79
N ILE C 70 -0.50 23.22 7.72
CA ILE C 70 -1.02 22.20 6.83
C ILE C 70 -1.79 22.88 5.71
N SER C 71 -1.68 22.33 4.50
CA SER C 71 -2.43 22.85 3.36
C SER C 71 -2.70 21.70 2.40
N ARG C 72 -3.49 21.99 1.36
CA ARG C 72 -3.76 20.96 0.37
C ARG C 72 -4.12 21.61 -0.96
N ASP C 73 -3.78 20.90 -2.04
CA ASP C 73 -4.13 21.29 -3.41
C ASP C 73 -5.04 20.18 -3.93
N ASN C 74 -6.34 20.45 -4.00
CA ASN C 74 -7.29 19.43 -4.42
C ASN C 74 -7.37 19.27 -5.92
N SER C 75 -6.83 20.21 -6.69
N SER C 75 -6.82 20.22 -6.68
CA SER C 75 -6.72 20.00 -8.13
CA SER C 75 -6.70 20.03 -8.12
C SER C 75 -5.66 18.94 -8.45
C SER C 75 -5.66 18.98 -8.47
N MET C 76 -4.54 18.96 -7.74
CA MET C 76 -3.51 17.95 -7.89
C MET C 76 -3.73 16.75 -6.97
N ASP C 77 -4.61 16.91 -5.97
CA ASP C 77 -4.96 15.88 -4.98
C ASP C 77 -3.78 15.56 -4.05
N ILE C 78 -3.19 16.61 -3.46
CA ILE C 78 -2.01 16.47 -2.60
C ILE C 78 -2.20 17.30 -1.33
N VAL C 79 -1.82 16.72 -0.20
CA VAL C 79 -1.81 17.39 1.09
C VAL C 79 -0.36 17.67 1.48
N TYR C 80 -0.12 18.85 2.04
CA TYR C 80 1.22 19.30 2.42
C TYR C 80 1.27 19.59 3.90
N LEU C 81 2.40 19.28 4.53
CA LEU C 81 2.70 19.68 5.89
C LEU C 81 4.00 20.46 5.87
N GLN C 82 3.89 21.77 6.09
CA GLN C 82 5.05 22.65 6.15
C GLN C 82 5.52 22.73 7.60
N MET C 83 6.76 22.33 7.85
CA MET C 83 7.33 22.32 9.19
C MET C 83 8.45 23.35 9.25
N ASN C 84 8.31 24.34 10.13
CA ASN C 84 9.32 25.38 10.32
C ASN C 84 9.91 25.27 11.72
N ASN C 85 11.06 25.94 11.89
CA ASN C 85 11.78 25.99 13.16
C ASN C 85 11.88 24.59 13.78
N LEU C 86 12.42 23.66 12.98
CA LEU C 86 12.49 22.28 13.42
C LEU C 86 13.48 22.12 14.56
N ARG C 87 13.11 21.34 15.55
CA ARG C 87 13.96 21.04 16.70
C ARG C 87 14.18 19.53 16.77
N ALA C 88 15.19 19.14 17.56
CA ALA C 88 15.54 17.73 17.68
C ALA C 88 14.36 16.87 18.08
N GLU C 89 13.43 17.41 18.86
CA GLU C 89 12.25 16.66 19.29
C GLU C 89 11.26 16.42 18.15
N ASP C 90 11.45 17.06 17.00
CA ASP C 90 10.61 16.78 15.84
C ASP C 90 11.12 15.61 15.01
N THR C 91 12.30 15.06 15.33
CA THR C 91 12.79 13.88 14.64
C THR C 91 11.84 12.72 14.87
N ALA C 92 11.37 12.11 13.78
CA ALA C 92 10.36 11.07 13.87
C ALA C 92 10.05 10.58 12.47
N LEU C 93 9.31 9.49 12.41
CA LEU C 93 8.64 9.05 11.20
C LEU C 93 7.28 9.73 11.12
N TYR C 94 6.99 10.37 9.99
CA TYR C 94 5.75 11.13 9.82
C TYR C 94 4.81 10.37 8.91
N TYR C 95 3.67 9.94 9.45
CA TYR C 95 2.65 9.23 8.69
C TYR C 95 1.53 10.18 8.29
N CYS C 96 1.11 10.04 7.04
N CYS C 96 1.08 10.09 7.04
CA CYS C 96 -0.15 10.59 6.55
CA CYS C 96 -0.18 10.72 6.66
C CYS C 96 -1.25 9.59 6.81
C CYS C 96 -1.28 9.67 6.72
N VAL C 97 -2.40 10.04 7.33
CA VAL C 97 -3.41 9.10 7.81
C VAL C 97 -4.80 9.58 7.42
N ARG C 98 -5.65 8.62 6.91
CA ARG C 98 -7.01 8.91 6.50
C ARG C 98 -8.01 8.55 7.59
N PRO C 99 -8.90 9.46 7.97
CA PRO C 99 -10.02 9.13 8.87
C PRO C 99 -11.18 8.65 8.00
N GLY C 100 -11.09 7.41 7.52
CA GLY C 100 -11.97 6.98 6.46
C GLY C 100 -13.19 6.16 6.80
N ILE C 101 -13.40 5.81 8.07
CA ILE C 101 -14.54 4.96 8.41
C ILE C 101 -15.10 5.35 9.78
N ALA C 102 -16.42 5.28 9.91
CA ALA C 102 -17.11 5.61 11.14
C ALA C 102 -18.01 4.46 11.58
N ALA C 103 -18.04 4.22 12.89
CA ALA C 103 -18.91 3.17 13.42
C ALA C 103 -20.37 3.62 13.39
N ALA C 104 -21.26 2.63 13.48
CA ALA C 104 -22.69 2.90 13.44
C ALA C 104 -23.13 3.79 14.60
N GLY C 105 -23.92 4.83 14.30
CA GLY C 105 -24.35 5.78 15.29
C GLY C 105 -23.38 6.92 15.54
N SER C 106 -22.23 6.92 14.86
CA SER C 106 -21.19 7.93 15.06
C SER C 106 -20.98 8.75 13.78
N ASN C 107 -20.66 10.03 13.95
CA ASN C 107 -20.14 10.85 12.87
C ASN C 107 -18.67 11.17 13.07
N TYR C 108 -17.98 10.39 13.91
CA TYR C 108 -16.55 10.49 14.14
C TYR C 108 -15.85 9.33 13.43
N TYR C 109 -14.75 9.64 12.74
CA TYR C 109 -14.15 8.73 11.77
C TYR C 109 -12.79 8.24 12.26
N ALA C 110 -12.59 6.94 12.21
CA ALA C 110 -11.35 6.32 12.66
C ALA C 110 -10.27 6.32 11.57
N MET C 111 -9.02 6.32 12.02
CA MET C 111 -7.85 6.37 11.15
C MET C 111 -7.62 5.00 10.54
N ASP C 112 -8.15 4.79 9.33
CA ASP C 112 -8.18 3.45 8.76
C ASP C 112 -7.10 3.19 7.72
N VAL C 113 -6.49 4.23 7.15
CA VAL C 113 -5.42 4.05 6.17
C VAL C 113 -4.23 4.90 6.61
N TRP C 114 -3.07 4.25 6.76
CA TRP C 114 -1.82 4.90 7.15
C TRP C 114 -0.80 4.69 6.05
N GLY C 115 -0.11 5.76 5.64
CA GLY C 115 1.07 5.59 4.83
C GLY C 115 2.19 4.96 5.65
N GLN C 116 3.24 4.53 4.96
N GLN C 116 3.23 4.53 4.95
CA GLN C 116 4.35 3.91 5.68
CA GLN C 116 4.38 3.91 5.61
C GLN C 116 5.30 4.93 6.28
C GLN C 116 5.26 4.93 6.33
N GLY C 117 5.09 6.22 6.05
CA GLY C 117 5.84 7.24 6.73
C GLY C 117 7.07 7.72 5.99
N THR C 118 7.36 9.01 6.12
CA THR C 118 8.60 9.58 5.62
C THR C 118 9.39 10.07 6.83
N ALA C 119 10.67 9.69 6.90
CA ALA C 119 11.47 9.95 8.08
C ALA C 119 12.06 11.35 8.05
N VAL C 120 11.89 12.08 9.15
CA VAL C 120 12.42 13.43 9.34
C VAL C 120 13.49 13.35 10.42
N THR C 121 14.71 13.72 10.07
CA THR C 121 15.85 13.65 11.00
C THR C 121 16.39 15.05 11.20
N VAL C 122 16.16 15.62 12.38
CA VAL C 122 16.64 16.96 12.72
C VAL C 122 18.01 16.82 13.38
N SER C 123 19.05 17.24 12.68
CA SER C 123 20.42 17.03 13.15
C SER C 123 21.35 17.96 12.40
N SER C 124 22.41 18.38 13.11
N SER C 124 22.41 18.38 13.11
CA SER C 124 23.49 19.14 12.50
CA SER C 124 23.49 19.15 12.51
C SER C 124 24.66 18.27 12.10
C SER C 124 24.62 18.26 12.02
N ALA C 125 24.48 16.95 12.12
CA ALA C 125 25.57 16.04 11.79
C ALA C 125 25.83 16.03 10.30
N SER C 126 27.11 16.00 9.94
CA SER C 126 27.50 15.77 8.56
C SER C 126 27.72 14.27 8.33
N THR C 127 27.60 13.86 7.07
CA THR C 127 27.76 12.45 6.72
C THR C 127 29.15 11.96 7.10
N LYS C 128 29.21 10.78 7.72
CA LYS C 128 30.46 10.23 8.19
C LYS C 128 30.34 8.71 8.27
N GLY C 129 31.36 8.01 7.77
CA GLY C 129 31.43 6.58 7.89
C GLY C 129 31.98 6.15 9.25
N PRO C 130 31.69 4.91 9.64
CA PRO C 130 32.02 4.44 10.99
C PRO C 130 33.45 3.92 11.09
N SER C 131 33.93 3.88 12.33
CA SER C 131 35.10 3.10 12.68
C SER C 131 34.64 1.74 13.19
N VAL C 132 35.42 0.70 12.91
CA VAL C 132 35.05 -0.66 13.26
C VAL C 132 36.14 -1.23 14.15
N PHE C 133 35.81 -1.47 15.41
CA PHE C 133 36.76 -2.02 16.36
C PHE C 133 36.33 -3.41 16.79
N PRO C 134 37.28 -4.32 17.02
CA PRO C 134 36.92 -5.68 17.42
C PRO C 134 36.51 -5.76 18.88
N LEU C 135 35.69 -6.76 19.17
CA LEU C 135 35.28 -7.12 20.52
C LEU C 135 35.82 -8.53 20.77
N ALA C 136 37.06 -8.60 21.23
CA ALA C 136 37.79 -9.86 21.19
C ALA C 136 37.31 -10.82 22.28
N PRO C 137 37.23 -12.11 22.00
CA PRO C 137 36.81 -13.09 23.00
C PRO C 137 37.93 -13.42 23.98
N SER C 138 37.55 -14.03 25.09
CA SER C 138 38.49 -14.45 26.14
C SER C 138 38.59 -15.97 26.20
N GLY C 145 31.69 -24.69 27.81
CA GLY C 145 32.11 -23.31 27.65
C GLY C 145 31.93 -22.78 26.24
N THR C 146 31.26 -21.62 26.14
CA THR C 146 31.07 -20.93 24.88
C THR C 146 31.76 -19.57 24.93
N ALA C 147 32.22 -19.10 23.77
CA ALA C 147 32.90 -17.82 23.66
C ALA C 147 32.05 -16.81 22.89
N ALA C 148 32.11 -15.56 23.33
CA ALA C 148 31.42 -14.46 22.67
C ALA C 148 32.42 -13.49 22.09
N LEU C 149 32.12 -12.99 20.88
CA LEU C 149 32.95 -12.00 20.24
C LEU C 149 32.05 -11.08 19.44
N GLY C 150 32.60 -9.98 18.95
CA GLY C 150 31.79 -9.10 18.14
C GLY C 150 32.59 -7.96 17.54
N CYS C 151 31.84 -7.00 16.99
CA CYS C 151 32.37 -5.80 16.34
C CYS C 151 31.63 -4.58 16.84
N LEU C 152 32.37 -3.52 17.16
CA LEU C 152 31.81 -2.22 17.53
C LEU C 152 31.89 -1.29 16.32
N VAL C 153 30.73 -0.85 15.85
CA VAL C 153 30.60 0.04 14.71
C VAL C 153 30.26 1.42 15.26
N LYS C 154 31.26 2.30 15.36
CA LYS C 154 31.11 3.53 16.13
C LYS C 154 31.20 4.77 15.24
N ASP C 155 30.32 5.74 15.53
CA ASP C 155 30.43 7.11 15.03
C ASP C 155 30.15 7.24 13.54
N TYR C 156 28.92 6.98 13.12
CA TYR C 156 28.54 7.15 11.73
C TYR C 156 27.28 8.00 11.65
N PHE C 157 27.08 8.58 10.47
CA PHE C 157 25.89 9.36 10.18
C PHE C 157 25.72 9.44 8.68
N PRO C 158 24.49 9.29 8.16
CA PRO C 158 23.26 8.96 8.89
C PRO C 158 23.09 7.45 8.96
N GLU C 159 21.95 6.98 9.44
CA GLU C 159 21.66 5.56 9.39
C GLU C 159 21.34 5.14 7.95
N PRO C 160 21.41 3.83 7.66
CA PRO C 160 21.75 2.70 8.53
C PRO C 160 23.10 2.07 8.24
N VAL C 161 23.49 1.08 9.02
N VAL C 161 23.45 1.05 9.02
CA VAL C 161 24.66 0.26 8.72
CA VAL C 161 24.66 0.25 8.81
C VAL C 161 24.25 -1.19 8.72
C VAL C 161 24.22 -1.22 8.74
N THR C 162 24.82 -1.97 7.80
CA THR C 162 24.57 -3.39 7.66
C THR C 162 25.77 -4.16 8.21
N VAL C 163 25.49 -5.18 9.02
CA VAL C 163 26.54 -6.03 9.55
C VAL C 163 26.19 -7.49 9.22
N SER C 164 27.15 -8.21 8.65
CA SER C 164 27.06 -9.65 8.47
C SER C 164 28.36 -10.27 8.95
N TRP C 165 28.34 -11.59 9.14
CA TRP C 165 29.47 -12.34 9.68
C TRP C 165 29.88 -13.40 8.68
N ASN C 166 31.16 -13.37 8.29
CA ASN C 166 31.71 -14.27 7.27
C ASN C 166 30.94 -14.16 5.95
N SER C 167 30.83 -12.92 5.46
CA SER C 167 30.22 -12.62 4.17
C SER C 167 28.82 -13.20 4.04
N GLY C 168 28.12 -13.30 5.16
CA GLY C 168 26.77 -13.84 5.17
C GLY C 168 26.69 -15.32 5.49
N ALA C 169 27.81 -15.99 5.77
CA ALA C 169 27.80 -17.42 6.02
C ALA C 169 27.58 -17.77 7.49
N LEU C 170 27.78 -16.83 8.41
CA LEU C 170 27.58 -17.07 9.84
C LEU C 170 26.34 -16.31 10.29
N THR C 171 25.27 -17.04 10.57
CA THR C 171 24.02 -16.45 11.04
C THR C 171 23.60 -16.95 12.41
N SER C 172 23.83 -18.23 12.71
CA SER C 172 23.39 -18.80 13.97
C SER C 172 24.15 -18.17 15.14
N GLY C 173 23.40 -17.65 16.12
CA GLY C 173 23.99 -17.08 17.31
C GLY C 173 24.34 -15.61 17.20
N VAL C 174 24.10 -14.97 16.07
CA VAL C 174 24.45 -13.56 15.87
C VAL C 174 23.36 -12.67 16.45
N HIS C 175 23.79 -11.63 17.16
CA HIS C 175 22.89 -10.54 17.59
C HIS C 175 23.51 -9.23 17.14
N THR C 176 22.85 -8.54 16.22
CA THR C 176 23.22 -7.19 15.83
C THR C 176 22.23 -6.24 16.51
N PHE C 177 22.72 -5.42 17.43
CA PHE C 177 21.82 -4.59 18.23
C PHE C 177 21.34 -3.37 17.44
N PRO C 178 20.16 -2.85 17.80
CA PRO C 178 19.73 -1.55 17.24
C PRO C 178 20.74 -0.46 17.60
N ALA C 179 20.92 0.47 16.66
CA ALA C 179 21.86 1.57 16.86
C ALA C 179 21.36 2.54 17.93
N VAL C 180 22.30 3.14 18.65
CA VAL C 180 22.00 4.21 19.59
C VAL C 180 22.57 5.51 19.04
N LEU C 181 21.90 6.61 19.36
CA LEU C 181 22.37 7.94 19.00
C LEU C 181 23.17 8.49 20.16
N GLN C 182 24.43 8.81 19.93
CA GLN C 182 25.30 9.30 20.98
C GLN C 182 25.14 10.80 21.15
N SER C 183 25.63 11.31 22.29
CA SER C 183 25.51 12.74 22.58
C SER C 183 26.18 13.58 21.51
N SER C 184 27.18 13.04 20.82
CA SER C 184 27.85 13.73 19.73
C SER C 184 26.98 13.87 18.49
N GLY C 185 25.81 13.24 18.46
CA GLY C 185 24.96 13.25 17.29
C GLY C 185 25.27 12.20 16.25
N LEU C 186 26.24 11.34 16.50
CA LEU C 186 26.60 10.24 15.61
C LEU C 186 26.08 8.93 16.17
N TYR C 187 25.87 7.96 15.27
CA TYR C 187 25.31 6.69 15.70
C TYR C 187 26.41 5.68 16.00
N SER C 188 26.03 4.65 16.76
CA SER C 188 26.92 3.57 17.12
C SER C 188 26.09 2.31 17.28
N LEU C 189 26.65 1.16 16.91
CA LEU C 189 26.02 -0.12 17.22
C LEU C 189 27.09 -1.17 17.41
N SER C 190 26.69 -2.29 18.00
CA SER C 190 27.53 -3.47 18.10
C SER C 190 26.82 -4.67 17.50
N SER C 191 27.62 -5.64 17.07
CA SER C 191 27.11 -6.91 16.60
C SER C 191 27.93 -7.98 17.29
N VAL C 192 27.26 -8.97 17.87
CA VAL C 192 27.94 -10.01 18.61
C VAL C 192 27.55 -11.37 18.05
N VAL C 193 28.34 -12.37 18.39
CA VAL C 193 28.04 -13.75 18.05
C VAL C 193 28.70 -14.64 19.11
N THR C 194 28.02 -15.73 19.46
CA THR C 194 28.56 -16.73 20.37
C THR C 194 28.99 -17.95 19.57
N VAL C 195 30.20 -18.41 19.79
CA VAL C 195 30.78 -19.53 19.05
C VAL C 195 31.41 -20.51 20.04
N PRO C 196 31.68 -21.74 19.60
CA PRO C 196 32.38 -22.68 20.49
C PRO C 196 33.80 -22.22 20.78
N SER C 197 34.19 -22.35 22.06
CA SER C 197 35.54 -22.00 22.45
C SER C 197 36.60 -22.84 21.73
N SER C 198 36.24 -24.05 21.29
CA SER C 198 37.20 -24.92 20.63
C SER C 198 37.59 -24.41 19.25
N SER C 199 36.74 -23.63 18.60
CA SER C 199 36.98 -23.20 17.23
C SER C 199 37.78 -21.92 17.12
N LEU C 200 38.11 -21.26 18.24
CA LEU C 200 38.74 -19.96 18.20
C LEU C 200 40.13 -19.98 17.55
N GLY C 201 40.72 -21.15 17.33
CA GLY C 201 42.01 -21.24 16.68
C GLY C 201 41.93 -21.77 15.26
N THR C 202 40.86 -22.48 14.94
CA THR C 202 40.68 -23.11 13.64
C THR C 202 39.83 -22.28 12.67
N GLN C 203 38.82 -21.59 13.16
CA GLN C 203 37.86 -20.88 12.32
C GLN C 203 38.05 -19.38 12.45
N THR C 204 38.08 -18.69 11.31
CA THR C 204 38.15 -17.24 11.29
C THR C 204 36.76 -16.62 11.42
N TYR C 205 36.69 -15.45 12.05
CA TYR C 205 35.44 -14.71 12.21
C TYR C 205 35.64 -13.29 11.71
N ILE C 206 34.94 -12.96 10.63
CA ILE C 206 35.00 -11.63 10.01
C ILE C 206 33.63 -11.00 10.15
N CYS C 207 33.58 -9.76 10.58
CA CYS C 207 32.35 -9.00 10.54
C CYS C 207 32.40 -8.05 9.34
N ASN C 208 31.36 -8.11 8.50
CA ASN C 208 31.28 -7.32 7.28
C ASN C 208 30.37 -6.14 7.55
N VAL C 209 30.95 -4.94 7.52
CA VAL C 209 30.24 -3.71 7.84
C VAL C 209 30.06 -2.93 6.55
N ASN C 210 28.85 -2.43 6.31
CA ASN C 210 28.57 -1.60 5.16
C ASN C 210 27.77 -0.38 5.61
N HIS C 211 28.34 0.79 5.42
CA HIS C 211 27.64 2.07 5.62
C HIS C 211 27.49 2.68 4.23
N LYS C 212 26.44 2.25 3.53
CA LYS C 212 26.20 2.70 2.16
C LYS C 212 26.13 4.22 2.01
N PRO C 213 25.55 4.99 2.93
CA PRO C 213 25.60 6.46 2.78
C PRO C 213 26.99 7.03 2.55
N SER C 214 28.03 6.44 3.13
CA SER C 214 29.41 6.84 2.88
C SER C 214 30.19 5.82 2.07
N ASN C 215 29.50 4.81 1.52
CA ASN C 215 30.14 3.75 0.74
C ASN C 215 31.30 3.10 1.50
N THR C 216 31.23 3.14 2.83
CA THR C 216 32.25 2.57 3.69
C THR C 216 31.94 1.09 3.89
N LYS C 217 32.78 0.23 3.32
CA LYS C 217 32.67 -1.21 3.53
C LYS C 217 33.95 -1.68 4.20
N VAL C 218 33.79 -2.37 5.33
CA VAL C 218 34.93 -2.86 6.12
C VAL C 218 34.69 -4.31 6.47
N ASP C 219 35.73 -5.12 6.31
CA ASP C 219 35.78 -6.48 6.83
C ASP C 219 36.80 -6.50 7.95
N LYS C 220 36.36 -6.86 9.16
CA LYS C 220 37.21 -6.84 10.35
C LYS C 220 37.33 -8.25 10.90
N LYS C 221 38.54 -8.76 11.00
CA LYS C 221 38.78 -10.02 11.69
C LYS C 221 38.80 -9.78 13.19
N VAL C 222 38.14 -10.67 13.94
CA VAL C 222 38.09 -10.60 15.39
C VAL C 222 38.65 -11.90 15.94
N GLU C 223 39.71 -11.79 16.73
CA GLU C 223 40.42 -12.95 17.26
C GLU C 223 40.77 -12.70 18.71
N PRO C 224 41.12 -13.76 19.45
CA PRO C 224 41.56 -13.56 20.84
C PRO C 224 42.78 -12.65 20.91
N LYS C 225 42.79 -11.79 21.93
CA LYS C 225 43.90 -10.87 22.14
C LYS C 225 45.13 -11.60 22.70
N GLU D 1 -5.39 17.21 28.37
CA GLU D 1 -5.82 16.25 27.35
C GLU D 1 -6.34 14.97 28.00
N ILE D 2 -7.06 14.16 27.23
CA ILE D 2 -7.50 12.85 27.70
C ILE D 2 -6.32 11.89 27.67
N VAL D 3 -6.06 11.24 28.79
CA VAL D 3 -4.93 10.32 28.92
C VAL D 3 -5.46 8.90 28.77
N MET D 4 -4.85 8.15 27.85
CA MET D 4 -5.14 6.75 27.63
C MET D 4 -4.08 5.92 28.33
N THR D 5 -4.51 4.97 29.16
CA THR D 5 -3.59 4.14 29.92
C THR D 5 -3.83 2.68 29.54
N GLN D 6 -2.82 2.04 28.99
CA GLN D 6 -2.90 0.63 28.64
C GLN D 6 -2.23 -0.23 29.70
N SER D 7 -2.82 -1.40 29.93
CA SER D 7 -2.23 -2.38 30.81
C SER D 7 -2.47 -3.77 30.26
N PRO D 8 -1.62 -4.74 30.62
CA PRO D 8 -0.32 -4.53 31.28
C PRO D 8 0.63 -3.97 30.22
N ALA D 9 1.83 -3.53 30.57
CA ALA D 9 2.75 -3.04 29.56
C ALA D 9 3.15 -4.15 28.60
N THR D 10 3.33 -5.37 29.13
CA THR D 10 3.75 -6.53 28.38
C THR D 10 2.82 -7.70 28.70
N LEU D 11 2.34 -8.38 27.67
CA LEU D 11 1.62 -9.64 27.80
C LEU D 11 2.50 -10.77 27.27
N SER D 12 2.78 -11.76 28.13
CA SER D 12 3.65 -12.88 27.79
C SER D 12 2.79 -14.12 27.57
N MET D 13 2.67 -14.55 26.32
CA MET D 13 1.65 -15.53 25.95
C MET D 13 2.25 -16.60 25.04
N SER D 14 1.48 -17.68 24.87
CA SER D 14 1.80 -18.78 23.96
C SER D 14 0.80 -18.81 22.81
N PRO D 15 1.20 -19.31 21.63
CA PRO D 15 0.25 -19.40 20.52
C PRO D 15 -0.94 -20.29 20.89
N GLY D 16 -2.11 -19.89 20.42
CA GLY D 16 -3.33 -20.59 20.76
C GLY D 16 -4.02 -20.10 22.00
N GLU D 17 -3.34 -19.29 22.82
CA GLU D 17 -3.96 -18.76 24.03
C GLU D 17 -4.78 -17.52 23.70
N ARG D 18 -5.63 -17.14 24.64
CA ARG D 18 -6.49 -15.97 24.50
C ARG D 18 -5.82 -14.78 25.18
N ALA D 19 -5.64 -13.71 24.43
CA ALA D 19 -5.03 -12.50 24.96
C ALA D 19 -6.09 -11.43 25.24
N THR D 20 -5.98 -10.78 26.39
CA THR D 20 -6.91 -9.73 26.78
C THR D 20 -6.10 -8.49 27.11
N LEU D 21 -6.27 -7.44 26.32
CA LEU D 21 -5.53 -6.20 26.49
C LEU D 21 -6.48 -5.12 26.99
N SER D 22 -6.01 -4.31 27.94
N SER D 22 -6.00 -4.31 27.93
CA SER D 22 -6.87 -3.33 28.59
CA SER D 22 -6.81 -3.32 28.62
C SER D 22 -6.45 -1.91 28.25
C SER D 22 -6.45 -1.91 28.18
N CYS D 23 -7.45 -1.03 28.15
CA CYS D 23 -7.23 0.38 27.85
C CYS D 23 -8.23 1.19 28.68
N ARG D 24 -7.74 2.21 29.36
CA ARG D 24 -8.59 3.08 30.16
C ARG D 24 -8.34 4.53 29.78
N ALA D 25 -9.39 5.35 29.85
CA ALA D 25 -9.33 6.77 29.55
C ALA D 25 -9.55 7.59 30.82
N SER D 26 -8.92 8.77 30.89
CA SER D 26 -9.07 9.61 32.07
C SER D 26 -10.42 10.30 32.14
N GLN D 27 -11.20 10.27 31.06
CA GLN D 27 -12.60 10.67 31.11
C GLN D 27 -13.32 9.93 29.99
N SER D 28 -14.65 9.99 30.01
CA SER D 28 -15.42 9.25 29.01
C SER D 28 -15.00 9.66 27.60
N VAL D 29 -14.78 8.67 26.74
CA VAL D 29 -14.59 8.90 25.31
C VAL D 29 -15.75 8.31 24.52
N GLY D 30 -16.85 8.01 25.20
CA GLY D 30 -18.01 7.43 24.53
C GLY D 30 -17.62 6.08 23.97
N SER D 31 -17.85 5.92 22.67
CA SER D 31 -17.44 4.70 21.99
C SER D 31 -16.36 4.99 20.95
N ASP D 32 -15.76 6.17 20.99
CA ASP D 32 -14.83 6.61 19.95
C ASP D 32 -13.42 6.16 20.31
N LEU D 33 -13.23 4.85 20.23
CA LEU D 33 -12.00 4.23 20.70
C LEU D 33 -11.55 3.26 19.62
N ALA D 34 -10.28 3.36 19.23
CA ALA D 34 -9.74 2.49 18.20
C ALA D 34 -8.56 1.72 18.74
N TRP D 35 -8.30 0.56 18.12
CA TRP D 35 -7.15 -0.27 18.42
C TRP D 35 -6.31 -0.48 17.16
N PHE D 36 -4.98 -0.40 17.33
CA PHE D 36 -4.05 -0.56 16.23
C PHE D 36 -3.01 -1.61 16.58
N GLN D 37 -2.59 -2.36 15.58
CA GLN D 37 -1.44 -3.26 15.67
C GLN D 37 -0.24 -2.61 15.00
N GLN D 38 0.94 -2.78 15.60
CA GLN D 38 2.16 -2.33 14.92
C GLN D 38 3.25 -3.39 15.07
N LYS D 39 3.83 -3.78 13.96
CA LYS D 39 4.99 -4.64 13.93
C LYS D 39 6.24 -3.81 13.67
N PRO D 40 7.43 -4.31 14.02
CA PRO D 40 8.64 -3.49 13.88
C PRO D 40 8.83 -3.00 12.45
N GLY D 41 9.13 -1.71 12.32
CA GLY D 41 9.41 -1.10 11.04
C GLY D 41 8.22 -0.88 10.13
N GLN D 42 6.99 -0.98 10.64
CA GLN D 42 5.81 -0.82 9.80
C GLN D 42 4.80 0.10 10.45
N ALA D 43 3.99 0.73 9.60
CA ALA D 43 2.98 1.67 10.08
C ALA D 43 1.91 0.94 10.89
N PRO D 44 1.27 1.64 11.84
CA PRO D 44 0.14 1.04 12.57
C PRO D 44 -0.96 0.59 11.62
N ARG D 45 -1.69 -0.44 12.04
N ARG D 45 -1.68 -0.46 12.03
CA ARG D 45 -2.78 -1.02 11.26
CA ARG D 45 -2.78 -1.03 11.27
C ARG D 45 -4.02 -1.04 12.12
C ARG D 45 -4.03 -1.04 12.12
N LEU D 46 -5.10 -0.45 11.61
CA LEU D 46 -6.34 -0.37 12.36
C LEU D 46 -6.98 -1.75 12.49
N LEU D 47 -7.24 -2.17 13.74
CA LEU D 47 -7.93 -3.41 14.05
C LEU D 47 -9.41 -3.21 14.35
N ILE D 48 -9.72 -2.28 15.27
CA ILE D 48 -11.05 -2.10 15.82
C ILE D 48 -11.32 -0.60 15.87
N TYR D 49 -12.54 -0.19 15.54
CA TYR D 49 -12.93 1.21 15.70
C TYR D 49 -14.34 1.26 16.28
N GLY D 50 -14.71 2.43 16.80
CA GLY D 50 -15.95 2.51 17.54
C GLY D 50 -16.03 1.52 18.68
N ALA D 51 -14.89 1.25 19.33
CA ALA D 51 -14.77 0.34 20.48
C ALA D 51 -14.93 -1.14 20.15
N PHE D 52 -15.80 -1.50 19.21
CA PHE D 52 -16.11 -2.92 19.03
C PHE D 52 -16.34 -3.35 17.58
N THR D 53 -16.14 -2.47 16.60
CA THR D 53 -16.33 -2.81 15.20
C THR D 53 -15.00 -3.17 14.55
N ARG D 54 -14.96 -4.34 13.91
CA ARG D 54 -13.73 -4.82 13.31
C ARG D 54 -13.50 -4.16 11.97
N ALA D 55 -12.28 -3.68 11.75
CA ALA D 55 -11.92 -3.03 10.50
C ALA D 55 -11.88 -4.02 9.36
N THR D 56 -11.94 -3.49 8.14
CA THR D 56 -11.96 -4.30 6.93
C THR D 56 -10.70 -5.15 6.83
N GLY D 57 -10.88 -6.42 6.49
CA GLY D 57 -9.80 -7.34 6.27
C GLY D 57 -9.14 -7.90 7.51
N ILE D 58 -9.62 -7.51 8.70
CA ILE D 58 -9.03 -7.97 9.95
C ILE D 58 -9.60 -9.34 10.31
N PRO D 59 -8.77 -10.30 10.72
CA PRO D 59 -9.29 -11.64 11.03
C PRO D 59 -10.22 -11.63 12.24
N ALA D 60 -11.12 -12.61 12.26
CA ALA D 60 -12.21 -12.62 13.23
C ALA D 60 -11.73 -12.89 14.66
N ARG D 61 -10.51 -13.38 14.85
CA ARG D 61 -10.03 -13.60 16.20
C ARG D 61 -9.82 -12.28 16.97
N PHE D 62 -9.74 -11.15 16.28
CA PHE D 62 -9.66 -9.86 16.95
C PHE D 62 -11.07 -9.34 17.24
N SER D 63 -11.29 -8.89 18.48
CA SER D 63 -12.55 -8.26 18.85
C SER D 63 -12.28 -7.21 19.93
N GLY D 64 -13.21 -6.28 20.05
CA GLY D 64 -13.12 -5.27 21.09
C GLY D 64 -14.47 -5.10 21.75
N SER D 65 -14.45 -4.56 22.97
CA SER D 65 -15.69 -4.18 23.63
C SER D 65 -15.38 -3.11 24.66
N GLY D 66 -16.41 -2.39 25.05
CA GLY D 66 -16.24 -1.32 25.99
C GLY D 66 -16.99 -0.07 25.61
N SER D 67 -17.03 0.89 26.54
CA SER D 67 -17.67 2.19 26.33
C SER D 67 -17.26 3.04 27.51
N GLY D 68 -17.47 4.35 27.38
CA GLY D 68 -17.16 5.23 28.48
C GLY D 68 -15.66 5.36 28.65
N SER D 69 -15.10 4.79 29.73
CA SER D 69 -13.68 4.92 29.99
C SER D 69 -12.90 3.61 30.09
N GLU D 70 -13.54 2.45 29.89
N GLU D 70 -13.55 2.45 29.90
CA GLU D 70 -12.89 1.16 30.02
CA GLU D 70 -12.88 1.16 30.02
C GLU D 70 -13.12 0.34 28.76
C GLU D 70 -13.12 0.34 28.76
N PHE D 71 -12.05 -0.20 28.20
CA PHE D 71 -12.09 -0.90 26.92
C PHE D 71 -11.13 -2.08 26.93
N THR D 72 -11.42 -3.06 26.07
N THR D 72 -11.46 -3.09 26.14
CA THR D 72 -10.64 -4.28 26.00
CA THR D 72 -10.59 -4.24 25.98
C THR D 72 -10.52 -4.74 24.56
C THR D 72 -10.46 -4.58 24.51
N LEU D 73 -9.32 -5.19 24.17
CA LEU D 73 -9.10 -5.84 22.90
C LEU D 73 -8.80 -7.30 23.20
N THR D 74 -9.43 -8.21 22.46
CA THR D 74 -9.27 -9.63 22.69
C THR D 74 -8.75 -10.30 21.42
N ILE D 75 -7.72 -11.11 21.57
CA ILE D 75 -7.24 -12.00 20.51
C ILE D 75 -7.54 -13.42 20.98
N SER D 76 -8.56 -14.02 20.38
CA SER D 76 -9.17 -15.20 21.00
C SER D 76 -8.27 -16.43 20.91
N SER D 77 -7.43 -16.51 19.88
CA SER D 77 -6.47 -17.60 19.75
C SER D 77 -5.23 -17.04 19.08
N LEU D 78 -4.19 -16.75 19.86
CA LEU D 78 -3.00 -16.11 19.33
C LEU D 78 -2.31 -16.98 18.30
N GLN D 79 -2.01 -16.39 17.16
CA GLN D 79 -1.11 -16.98 16.18
C GLN D 79 0.21 -16.24 16.21
N SER D 80 1.25 -16.89 15.71
CA SER D 80 2.60 -16.31 15.79
C SER D 80 2.67 -14.93 15.17
N GLU D 81 1.90 -14.69 14.09
CA GLU D 81 1.92 -13.36 13.49
C GLU D 81 1.27 -12.29 14.37
N ASP D 82 0.65 -12.66 15.49
CA ASP D 82 0.01 -11.67 16.35
C ASP D 82 0.94 -11.08 17.41
N PHE D 83 2.15 -11.63 17.57
CA PHE D 83 3.09 -11.04 18.52
C PHE D 83 3.56 -9.70 17.99
N ALA D 84 3.19 -8.62 18.68
CA ALA D 84 3.35 -7.26 18.18
C ALA D 84 3.01 -6.31 19.31
N VAL D 85 3.05 -5.02 19.00
CA VAL D 85 2.64 -3.98 19.93
C VAL D 85 1.25 -3.51 19.55
N TYR D 86 0.39 -3.32 20.55
CA TYR D 86 -0.98 -2.88 20.32
C TYR D 86 -1.22 -1.57 21.05
N TYR D 87 -1.75 -0.59 20.33
CA TYR D 87 -2.07 0.74 20.85
C TYR D 87 -3.57 0.95 20.83
N CYS D 88 -4.11 1.59 21.86
CA CYS D 88 -5.44 2.14 21.75
C CYS D 88 -5.34 3.64 21.49
N GLN D 89 -6.43 4.20 20.97
CA GLN D 89 -6.49 5.64 20.68
C GLN D 89 -7.92 6.09 20.88
N GLN D 90 -8.12 7.18 21.63
CA GLN D 90 -9.43 7.81 21.64
C GLN D 90 -9.46 8.90 20.59
N TYR D 91 -10.57 8.96 19.85
CA TYR D 91 -10.81 10.03 18.88
C TYR D 91 -12.15 10.71 19.18
N ASN D 92 -12.42 10.90 20.47
CA ASN D 92 -13.57 11.68 20.93
C ASN D 92 -13.23 13.15 21.17
N ARG D 93 -12.03 13.41 21.67
CA ARG D 93 -11.63 14.75 22.09
C ARG D 93 -10.18 14.92 21.65
N TRP D 94 -9.99 15.59 20.51
CA TRP D 94 -8.73 15.55 19.77
C TRP D 94 -8.35 14.09 19.54
N TRP D 95 -7.06 13.76 19.62
CA TRP D 95 -6.58 12.41 19.28
C TRP D 95 -5.41 12.07 20.19
N THR D 96 -5.59 11.09 21.08
CA THR D 96 -4.51 10.69 21.97
C THR D 96 -4.41 9.17 22.03
N PHE D 97 -3.19 8.68 22.19
CA PHE D 97 -2.89 7.24 22.11
C PHE D 97 -2.44 6.75 23.48
N GLY D 98 -2.71 5.47 23.75
CA GLY D 98 -2.03 4.82 24.85
C GLY D 98 -0.57 4.58 24.50
N GLN D 99 0.21 4.16 25.49
CA GLN D 99 1.63 3.90 25.27
C GLN D 99 1.90 2.48 24.81
N GLY D 100 0.89 1.67 24.61
CA GLY D 100 1.12 0.40 23.95
C GLY D 100 1.23 -0.77 24.91
N THR D 101 0.73 -1.92 24.47
CA THR D 101 0.94 -3.19 25.15
C THR D 101 1.71 -4.10 24.21
N LYS D 102 2.84 -4.61 24.67
CA LYS D 102 3.63 -5.54 23.88
C LYS D 102 3.13 -6.94 24.17
N VAL D 103 2.75 -7.67 23.13
CA VAL D 103 2.38 -9.08 23.24
C VAL D 103 3.58 -9.89 22.78
N GLU D 104 4.22 -10.57 23.72
CA GLU D 104 5.46 -11.30 23.50
C GLU D 104 5.25 -12.78 23.76
N MET D 105 6.21 -13.58 23.32
CA MET D 105 6.13 -15.03 23.47
C MET D 105 6.59 -15.44 24.86
N LYS D 106 5.82 -16.33 25.49
CA LYS D 106 6.14 -16.81 26.82
C LYS D 106 7.09 -18.00 26.76
N ARG D 107 8.04 -18.04 27.71
CA ARG D 107 8.98 -19.14 27.81
C ARG D 107 9.51 -19.20 29.23
N THR D 108 10.31 -20.23 29.51
CA THR D 108 10.86 -20.38 30.84
C THR D 108 11.93 -19.32 31.11
N VAL D 109 12.07 -18.97 32.39
CA VAL D 109 13.08 -18.00 32.81
C VAL D 109 14.46 -18.50 32.41
N ALA D 110 15.27 -17.59 31.86
CA ALA D 110 16.62 -17.92 31.39
C ALA D 110 17.58 -16.83 31.83
N ALA D 111 18.52 -17.17 32.68
CA ALA D 111 19.52 -16.21 33.11
C ALA D 111 20.45 -15.85 31.96
N PRO D 112 20.89 -14.59 31.86
CA PRO D 112 21.81 -14.23 30.77
C PRO D 112 23.21 -14.75 31.03
N SER D 113 23.87 -15.15 29.94
CA SER D 113 25.32 -15.27 29.94
C SER D 113 25.90 -13.88 29.78
N VAL D 114 26.77 -13.47 30.71
CA VAL D 114 27.31 -12.11 30.73
C VAL D 114 28.76 -12.15 30.27
N PHE D 115 29.12 -11.21 29.41
CA PHE D 115 30.48 -11.05 28.93
C PHE D 115 30.82 -9.56 28.91
N ILE D 116 32.07 -9.24 29.23
CA ILE D 116 32.54 -7.87 29.22
C ILE D 116 33.73 -7.77 28.27
N PHE D 117 33.76 -6.71 27.47
CA PHE D 117 34.82 -6.50 26.50
C PHE D 117 35.55 -5.19 26.79
N PRO D 118 36.84 -5.21 27.09
CA PRO D 118 37.58 -3.97 27.26
C PRO D 118 37.68 -3.22 25.94
N PRO D 119 38.06 -1.95 25.97
CA PRO D 119 38.32 -1.25 24.70
C PRO D 119 39.53 -1.83 23.98
N SER D 120 39.45 -1.84 22.66
CA SER D 120 40.55 -2.32 21.84
C SER D 120 41.68 -1.30 21.81
N ASP D 121 42.90 -1.80 21.58
CA ASP D 121 44.04 -0.90 21.46
C ASP D 121 43.86 0.05 20.29
N GLU D 122 43.31 -0.43 19.17
CA GLU D 122 43.13 0.43 18.01
C GLU D 122 42.17 1.59 18.31
N GLN D 123 41.14 1.35 19.12
CA GLN D 123 40.26 2.47 19.49
C GLN D 123 40.97 3.44 20.42
N LEU D 124 41.70 2.92 21.41
CA LEU D 124 42.42 3.77 22.36
C LEU D 124 43.36 4.73 21.64
N LYS D 125 43.86 4.35 20.46
CA LYS D 125 44.75 5.20 19.68
C LYS D 125 44.04 6.42 19.10
N SER D 126 42.76 6.61 19.37
CA SER D 126 41.99 7.71 18.79
C SER D 126 41.42 8.68 19.80
N GLY D 127 41.57 8.42 21.10
CA GLY D 127 41.11 9.35 22.12
C GLY D 127 39.87 8.92 22.88
N THR D 128 39.22 7.82 22.49
CA THR D 128 38.02 7.35 23.16
C THR D 128 38.19 5.88 23.51
N ALA D 129 37.45 5.45 24.54
CA ALA D 129 37.47 4.06 24.99
C ALA D 129 36.04 3.61 25.26
N SER D 130 35.61 2.55 24.59
CA SER D 130 34.30 1.96 24.83
C SER D 130 34.48 0.62 25.53
N VAL D 131 33.70 0.40 26.58
CA VAL D 131 33.62 -0.88 27.28
C VAL D 131 32.23 -1.44 27.02
N VAL D 132 32.16 -2.70 26.60
CA VAL D 132 30.88 -3.31 26.25
C VAL D 132 30.60 -4.45 27.23
N CYS D 133 29.40 -4.44 27.79
CA CYS D 133 28.88 -5.55 28.59
C CYS D 133 27.75 -6.22 27.83
N LEU D 134 27.85 -7.53 27.66
CA LEU D 134 26.90 -8.29 26.85
C LEU D 134 26.08 -9.20 27.74
N LEU D 135 24.76 -9.14 27.58
CA LEU D 135 23.83 -10.05 28.25
C LEU D 135 23.18 -10.88 27.15
N ASN D 136 23.50 -12.17 27.11
CA ASN D 136 23.13 -13.02 25.98
C ASN D 136 21.97 -13.94 26.35
N ASN D 137 20.92 -13.92 25.52
CA ASN D 137 19.89 -14.97 25.49
C ASN D 137 19.22 -15.18 26.85
N PHE D 138 18.55 -14.12 27.33
CA PHE D 138 17.89 -14.18 28.62
C PHE D 138 16.39 -13.96 28.49
N TYR D 139 15.65 -14.36 29.53
CA TYR D 139 14.21 -14.15 29.61
C TYR D 139 13.81 -14.16 31.07
N PRO D 140 12.92 -13.26 31.51
CA PRO D 140 12.23 -12.23 30.74
C PRO D 140 13.09 -11.03 30.41
N ARG D 141 12.47 -10.01 29.82
CA ARG D 141 13.21 -8.86 29.30
C ARG D 141 13.79 -7.99 30.41
N GLU D 142 13.17 -7.99 31.59
CA GLU D 142 13.59 -7.09 32.66
C GLU D 142 14.99 -7.45 33.14
N ALA D 143 15.90 -6.49 33.07
CA ALA D 143 17.26 -6.66 33.56
C ALA D 143 17.84 -5.29 33.88
N LYS D 144 18.82 -5.27 34.78
CA LYS D 144 19.51 -4.05 35.12
C LYS D 144 21.02 -4.25 34.97
N VAL D 145 21.70 -3.21 34.50
CA VAL D 145 23.15 -3.21 34.32
C VAL D 145 23.72 -2.03 35.07
N GLN D 146 24.64 -2.28 35.99
CA GLN D 146 25.33 -1.22 36.74
C GLN D 146 26.81 -1.28 36.42
N TRP D 147 27.37 -0.13 36.04
CA TRP D 147 28.79 0.00 35.76
C TRP D 147 29.51 0.55 36.98
N LYS D 148 30.72 0.02 37.23
CA LYS D 148 31.56 0.51 38.30
C LYS D 148 33.00 0.60 37.81
N VAL D 149 33.65 1.73 38.10
CA VAL D 149 35.02 2.00 37.72
C VAL D 149 35.77 2.34 39.00
N ASP D 150 36.61 1.43 39.47
CA ASP D 150 37.24 1.52 40.78
C ASP D 150 36.19 1.77 41.86
N ASN D 151 35.12 0.96 41.81
CA ASN D 151 34.00 0.98 42.75
C ASN D 151 33.20 2.27 42.72
N ALA D 152 33.47 3.16 41.77
CA ALA D 152 32.66 4.36 41.58
C ALA D 152 31.51 4.04 40.63
N LEU D 153 30.29 4.28 41.09
CA LEU D 153 29.11 4.03 40.28
C LEU D 153 29.07 4.97 39.08
N GLN D 154 28.82 4.42 37.90
CA GLN D 154 28.82 5.19 36.66
C GLN D 154 27.39 5.58 36.30
N SER D 155 27.15 6.88 36.19
CA SER D 155 25.80 7.39 35.98
C SER D 155 25.79 8.35 34.79
N GLY D 156 25.03 7.99 33.76
CA GLY D 156 24.80 8.87 32.64
C GLY D 156 25.74 8.69 31.46
N ASN D 157 26.74 7.82 31.55
CA ASN D 157 27.73 7.67 30.49
C ASN D 157 27.67 6.29 29.83
N SER D 158 26.52 5.62 29.88
CA SER D 158 26.34 4.35 29.22
C SER D 158 25.01 4.37 28.47
N GLN D 159 24.93 3.57 27.41
CA GLN D 159 23.70 3.41 26.67
C GLN D 159 23.46 1.92 26.44
N GLU D 160 22.20 1.51 26.53
CA GLU D 160 21.79 0.13 26.38
C GLU D 160 21.07 -0.04 25.05
N SER D 161 21.17 -1.25 24.51
CA SER D 161 20.47 -1.63 23.30
C SER D 161 19.98 -3.06 23.47
N VAL D 162 18.80 -3.37 22.93
CA VAL D 162 18.16 -4.65 23.15
C VAL D 162 17.63 -5.20 21.82
N THR D 163 17.75 -6.50 21.63
CA THR D 163 17.26 -7.12 20.41
C THR D 163 15.76 -7.37 20.52
N GLU D 164 15.13 -7.58 19.36
CA GLU D 164 13.79 -8.14 19.35
C GLU D 164 13.84 -9.57 19.86
N GLN D 165 12.70 -10.04 20.37
CA GLN D 165 12.63 -11.41 20.86
C GLN D 165 13.03 -12.39 19.75
N ASP D 166 13.87 -13.36 20.10
CA ASP D 166 14.39 -14.28 19.11
C ASP D 166 13.30 -15.22 18.63
N SER D 167 13.22 -15.41 17.31
CA SER D 167 12.16 -16.23 16.73
C SER D 167 12.33 -17.72 17.02
N LYS D 168 13.52 -18.14 17.41
CA LYS D 168 13.79 -19.55 17.66
C LYS D 168 13.64 -19.92 19.14
N ASP D 169 14.30 -19.20 20.04
CA ASP D 169 14.27 -19.58 21.46
C ASP D 169 13.60 -18.55 22.35
N SER D 170 13.07 -17.46 21.79
CA SER D 170 12.21 -16.51 22.51
C SER D 170 12.95 -15.81 23.65
N THR D 171 14.26 -15.67 23.54
CA THR D 171 15.06 -14.93 24.50
C THR D 171 15.37 -13.54 23.95
N TYR D 172 15.93 -12.71 24.83
CA TYR D 172 16.42 -11.39 24.47
C TYR D 172 17.92 -11.32 24.71
N SER D 173 18.55 -10.39 24.01
CA SER D 173 19.94 -10.05 24.26
C SER D 173 20.04 -8.53 24.42
N LEU D 174 21.03 -8.09 25.18
CA LEU D 174 21.17 -6.70 25.54
C LEU D 174 22.65 -6.35 25.63
N SER D 175 23.01 -5.19 25.10
CA SER D 175 24.36 -4.65 25.25
C SER D 175 24.29 -3.35 26.03
N SER D 176 25.32 -3.11 26.84
CA SER D 176 25.49 -1.85 27.54
C SER D 176 26.90 -1.36 27.27
N THR D 177 27.02 -0.16 26.71
CA THR D 177 28.30 0.41 26.31
C THR D 177 28.61 1.61 27.18
N LEU D 178 29.73 1.55 27.89
CA LEU D 178 30.23 2.65 28.70
C LEU D 178 31.28 3.41 27.89
N THR D 179 31.08 4.72 27.74
CA THR D 179 31.98 5.57 26.94
C THR D 179 32.81 6.46 27.86
N LEU D 180 34.12 6.43 27.69
CA LEU D 180 35.06 7.21 28.49
C LEU D 180 36.11 7.83 27.58
N SER D 181 36.62 8.98 27.98
CA SER D 181 37.81 9.50 27.32
C SER D 181 38.99 8.55 27.57
N LYS D 182 39.96 8.60 26.66
CA LYS D 182 41.17 7.81 26.87
C LYS D 182 41.85 8.21 28.17
N ALA D 183 41.88 9.51 28.47
CA ALA D 183 42.48 9.98 29.72
C ALA D 183 41.80 9.38 30.92
N ASP D 184 40.46 9.42 30.96
CA ASP D 184 39.73 8.81 32.07
C ASP D 184 40.02 7.32 32.14
N TYR D 185 39.99 6.62 31.00
CA TYR D 185 40.25 5.18 31.00
C TYR D 185 41.62 4.86 31.58
N GLU D 186 42.65 5.66 31.22
CA GLU D 186 44.00 5.38 31.69
C GLU D 186 44.17 5.64 33.19
N LYS D 187 43.26 6.35 33.82
CA LYS D 187 43.41 6.71 35.23
C LYS D 187 42.80 5.70 36.19
N HIS D 188 42.23 4.61 35.69
CA HIS D 188 41.51 3.69 36.54
C HIS D 188 41.83 2.25 36.17
N LYS D 189 41.56 1.34 37.12
CA LYS D 189 42.05 -0.02 37.05
C LYS D 189 40.94 -1.06 36.90
N VAL D 190 39.94 -1.04 37.77
CA VAL D 190 38.92 -2.09 37.82
C VAL D 190 37.66 -1.62 37.11
N TYR D 191 37.31 -2.31 36.04
CA TYR D 191 36.10 -2.04 35.27
C TYR D 191 35.17 -3.23 35.40
N ALA D 192 33.94 -2.99 35.86
CA ALA D 192 33.05 -4.10 36.21
C ALA D 192 31.64 -3.81 35.75
N CYS D 193 30.98 -4.86 35.29
CA CYS D 193 29.59 -4.83 34.86
C CYS D 193 28.79 -5.73 35.79
N GLU D 194 27.79 -5.16 36.45
CA GLU D 194 26.97 -5.88 37.42
C GLU D 194 25.57 -6.03 36.88
N VAL D 195 25.12 -7.28 36.74
CA VAL D 195 23.84 -7.62 36.11
C VAL D 195 22.90 -8.20 37.16
N THR D 196 21.69 -7.67 37.21
CA THR D 196 20.62 -8.25 38.02
C THR D 196 19.53 -8.76 37.09
N HIS D 197 19.11 -10.01 37.30
CA HIS D 197 18.07 -10.60 36.47
C HIS D 197 17.36 -11.67 37.28
N GLN D 198 16.10 -11.92 36.91
CA GLN D 198 15.28 -12.89 37.63
C GLN D 198 15.90 -14.28 37.65
N GLY D 199 16.60 -14.65 36.58
CA GLY D 199 17.22 -15.96 36.51
C GLY D 199 18.46 -16.13 37.36
N LEU D 200 18.94 -15.06 37.99
CA LEU D 200 20.14 -15.11 38.82
C LEU D 200 19.73 -14.98 40.28
N SER D 201 20.19 -15.91 41.12
CA SER D 201 19.89 -15.85 42.54
C SER D 201 20.54 -14.64 43.20
N SER D 202 21.68 -14.20 42.69
CA SER D 202 22.34 -12.98 43.15
C SER D 202 22.91 -12.28 41.93
N PRO D 203 23.12 -10.96 42.01
CA PRO D 203 23.67 -10.24 40.85
C PRO D 203 25.04 -10.78 40.44
N VAL D 204 25.23 -10.89 39.13
CA VAL D 204 26.47 -11.41 38.55
C VAL D 204 27.32 -10.24 38.11
N THR D 205 28.60 -10.29 38.44
CA THR D 205 29.56 -9.26 38.07
C THR D 205 30.66 -9.87 37.22
N LYS D 206 30.86 -9.33 36.02
CA LYS D 206 32.04 -9.60 35.22
C LYS D 206 32.93 -8.37 35.23
N SER D 207 34.23 -8.58 35.35
CA SER D 207 35.15 -7.47 35.54
C SER D 207 36.48 -7.77 34.87
N PHE D 208 37.32 -6.74 34.78
CA PHE D 208 38.69 -6.91 34.30
C PHE D 208 39.51 -5.75 34.82
N ASN D 209 40.81 -5.99 34.98
CA ASN D 209 41.76 -4.95 35.30
C ASN D 209 42.39 -4.45 34.01
N ARG D 210 42.38 -3.13 33.82
CA ARG D 210 42.99 -2.54 32.64
C ARG D 210 44.46 -2.94 32.53
N GLY D 211 44.84 -3.44 31.35
CA GLY D 211 46.21 -3.80 31.07
C GLY D 211 46.64 -5.17 31.53
N GLU D 212 45.70 -6.02 31.90
CA GLU D 212 46.03 -7.35 32.42
C GLU D 212 45.28 -8.44 31.66
N ASN E 1 26.53 -19.40 -18.92
CA ASN E 1 25.82 -18.16 -19.22
C ASN E 1 24.65 -17.93 -18.25
N VAL E 2 24.26 -16.67 -18.12
CA VAL E 2 23.21 -16.28 -17.19
C VAL E 2 21.86 -16.80 -17.69
N ASP E 3 21.10 -17.36 -16.76
CA ASP E 3 19.70 -17.72 -16.99
C ASP E 3 18.85 -16.59 -16.44
N PRO E 4 18.16 -15.81 -17.29
CA PRO E 4 17.41 -14.64 -16.77
C PRO E 4 16.24 -15.03 -15.89
N ASN E 5 15.75 -16.27 -16.00
CA ASN E 5 14.63 -16.74 -15.20
C ASN E 5 15.05 -17.33 -13.86
N ALA E 6 16.35 -17.46 -13.60
CA ALA E 6 16.81 -18.02 -12.34
C ALA E 6 16.61 -17.01 -11.21
N ASN E 7 16.65 -17.52 -9.99
CA ASN E 7 16.52 -16.76 -8.74
C ASN E 7 17.29 -15.46 -8.84
N PRO E 8 16.59 -14.32 -8.85
CA PRO E 8 17.26 -13.01 -8.85
C PRO E 8 17.48 -12.41 -7.47
N ASN E 9 17.23 -13.18 -6.41
CA ASN E 9 17.23 -12.67 -5.05
C ASN E 9 18.55 -13.03 -4.36
N VAL E 10 18.75 -12.44 -3.18
CA VAL E 10 20.01 -12.64 -2.47
C VAL E 10 20.09 -14.08 -1.96
N ASP E 11 21.31 -14.63 -1.93
CA ASP E 11 21.58 -15.94 -1.33
C ASP E 11 23.08 -16.25 -1.36
N ASN F 1 -20.53 26.48 16.74
CA ASN F 1 -19.08 26.39 16.61
C ASN F 1 -18.59 25.05 16.08
N VAL F 2 -17.41 25.06 15.45
CA VAL F 2 -16.88 23.87 14.80
C VAL F 2 -16.49 22.83 15.84
N ASP F 3 -16.84 21.57 15.56
CA ASP F 3 -16.36 20.44 16.35
C ASP F 3 -15.16 19.84 15.62
N PRO F 4 -13.92 20.00 16.13
CA PRO F 4 -12.75 19.50 15.39
C PRO F 4 -12.74 18.00 15.18
N ASN F 5 -13.44 17.23 16.02
CA ASN F 5 -13.51 15.79 15.88
C ASN F 5 -14.63 15.33 14.96
N ALA F 6 -15.47 16.24 14.47
CA ALA F 6 -16.55 15.85 13.58
C ALA F 6 -16.01 15.42 12.22
N ASN F 7 -16.85 14.72 11.47
CA ASN F 7 -16.54 14.20 10.14
C ASN F 7 -15.83 15.24 9.29
N PRO F 8 -14.57 15.03 8.94
CA PRO F 8 -13.84 16.01 8.14
C PRO F 8 -13.83 15.72 6.64
N ASN F 9 -14.66 14.79 6.18
CA ASN F 9 -14.68 14.31 4.81
C ASN F 9 -15.85 14.94 4.04
N VAL F 10 -15.88 14.69 2.74
CA VAL F 10 -16.95 15.20 1.90
C VAL F 10 -18.25 14.47 2.24
N ASP F 11 -19.37 15.21 2.20
CA ASP F 11 -20.70 14.61 2.34
C ASP F 11 -21.79 15.61 1.95
C1 EDO G . -19.29 8.78 -24.50
O1 EDO G . -19.07 7.37 -24.40
C2 EDO G . -20.43 9.18 -23.55
O2 EDO G . -21.65 8.56 -24.00
C1 EDO H . -23.59 -0.97 -11.76
O1 EDO H . -24.94 -1.32 -12.13
C2 EDO H . -23.43 0.55 -11.79
O2 EDO H . -23.75 1.06 -13.09
C1 EDO I . 16.33 -8.68 -22.67
O1 EDO I . 17.01 -7.70 -21.89
C2 EDO I . 17.27 -9.38 -23.64
O2 EDO I . 16.52 -10.15 -24.60
C1 EDO J . 10.82 -12.91 -29.71
O1 EDO J . 9.70 -12.93 -28.80
C2 EDO J . 10.61 -13.87 -30.87
O2 EDO J . 10.42 -15.20 -30.37
C1 EDO K . -8.44 -15.25 -2.21
O1 EDO K . -9.86 -15.45 -2.29
C2 EDO K . -7.95 -14.11 -3.11
O2 EDO K . -8.71 -12.93 -2.89
C1 EDO L . 10.45 -27.23 -19.12
O1 EDO L . 11.57 -27.39 -18.25
C2 EDO L . 10.91 -26.81 -20.51
O2 EDO L . 11.66 -25.59 -20.43
C1 EDO M . -27.24 -11.41 -29.20
O1 EDO M . -27.82 -11.97 -30.38
C2 EDO M . -25.78 -11.08 -29.44
O2 EDO M . -25.68 -10.13 -30.50
C1 EDO N . -5.70 23.28 17.41
O1 EDO N . -5.37 23.88 16.15
C2 EDO N . -6.17 24.35 18.41
O2 EDO N . -6.25 23.80 19.73
C1 EDO O . -0.97 16.33 24.82
O1 EDO O . -1.18 17.32 25.84
C2 EDO O . -1.99 16.55 23.71
O2 EDO O . -1.76 17.82 23.10
C1 EDO P . 7.84 0.49 14.50
O1 EDO P . 9.05 -0.19 14.87
C2 EDO P . 8.18 1.86 13.93
O2 EDO P . 8.72 1.72 12.61
#